data_2BMF
#
_entry.id   2BMF
#
_cell.length_a   54.900
_cell.length_b   178.100
_cell.length_c   55.400
_cell.angle_alpha   90.00
_cell.angle_beta   101.30
_cell.angle_gamma   90.00
#
_symmetry.space_group_name_H-M   'P 1 21 1'
#
loop_
_entity.id
_entity.type
_entity.pdbx_description
1 polymer 'RNA HELICASE'
2 water water
#
_entity_poly.entity_id   1
_entity_poly.type   'polypeptide(L)'
_entity_poly.pdbx_seq_one_letter_code
;AMASIEDNPEIEDDIFRKKRLTIMDLHPGAGKTKRYLPAIVREAIKRGLRTLILAPTRVVAAEMEEALRGLPIRYQTPAI
RAEHTGREIVDLMCHATFTMRLLSPIRVPNYNLIIMDEAHFTDPASIAARGYISTRVEMGEAAGIFMTATPPGSRDPFPQ
SNAPIMDEEREIPERSWNSGHEWVTDFKGKTVWFVPSIKAGNDIAACLRKNGKKVIQLSRKTFDSEYIKTRTNDWDFVVT
TDISEMGANFKAERVIDPRRCMKPVILTDGEERVILAGPMPVTHSSAAQRRGRVGRNPKNENDQYIYMGEPLENDEDCAH
WKEAKMLLDNINTPEGIIPSMFEPEREKVDAIDGEYRLRGEARKTFVDLMRRGDLPVWLAYRVAAEGINYADRRWCFDGV
KNNQILEENVEVEIWTKEGERKKLKPRWLDARIYSDPLALKEFKEFAAGRK
;
_entity_poly.pdbx_strand_id   A,B
#
# COMPACT_ATOMS: atom_id res chain seq x y z
N MET A 2 29.66 -23.85 2.49
CA MET A 2 29.13 -23.85 1.09
C MET A 2 29.49 -22.58 0.35
N ALA A 3 29.49 -21.44 1.06
CA ALA A 3 29.81 -20.18 0.42
C ALA A 3 30.52 -19.24 1.36
N SER A 4 31.28 -18.32 0.78
CA SER A 4 32.01 -17.33 1.52
C SER A 4 31.21 -16.03 1.49
N ILE A 5 31.37 -15.18 2.49
CA ILE A 5 30.62 -13.92 2.52
C ILE A 5 31.01 -13.05 1.32
N GLU A 6 31.86 -13.57 0.45
CA GLU A 6 32.28 -12.83 -0.74
C GLU A 6 31.05 -12.62 -1.65
N ASP A 7 29.87 -12.87 -1.09
CA ASP A 7 28.60 -12.69 -1.79
C ASP A 7 28.39 -11.20 -2.04
N ASN A 8 28.78 -10.39 -1.05
CA ASN A 8 28.66 -8.93 -1.14
C ASN A 8 30.07 -8.32 -1.24
N PRO A 9 30.25 -7.37 -2.17
CA PRO A 9 31.52 -6.67 -2.43
C PRO A 9 32.43 -6.35 -1.24
N GLU A 10 33.67 -5.97 -1.59
CA GLU A 10 34.69 -5.63 -0.61
C GLU A 10 34.85 -4.12 -0.53
N ILE A 11 34.19 -3.52 0.45
CA ILE A 11 34.23 -2.07 0.65
C ILE A 11 35.51 -1.63 1.34
N GLU A 12 36.43 -1.04 0.59
CA GLU A 12 37.68 -0.57 1.20
C GLU A 12 37.36 0.27 2.42
N ASP A 13 38.35 0.47 3.29
CA ASP A 13 38.15 1.28 4.48
C ASP A 13 38.54 2.72 4.17
N ASP A 14 38.50 3.57 5.19
CA ASP A 14 38.85 4.98 5.02
C ASP A 14 37.92 5.69 4.04
N ILE A 15 36.89 4.96 3.60
CA ILE A 15 35.89 5.50 2.70
C ILE A 15 34.80 6.01 3.64
N PHE A 16 35.00 5.75 4.92
CA PHE A 16 34.09 6.17 5.98
C PHE A 16 34.87 7.10 6.91
N ARG A 17 36.14 7.32 6.60
CA ARG A 17 36.99 8.16 7.43
C ARG A 17 36.83 9.65 7.11
N LYS A 18 36.32 10.41 8.09
CA LYS A 18 36.11 11.84 7.91
C LYS A 18 37.34 12.49 7.30
N LYS A 19 37.13 13.69 6.75
CA LYS A 19 38.18 14.46 6.11
C LYS A 19 38.53 13.89 4.74
N ARG A 20 37.78 12.89 4.30
CA ARG A 20 38.06 12.26 3.01
C ARG A 20 36.87 12.29 2.03
N LEU A 21 37.17 12.57 0.77
CA LEU A 21 36.17 12.61 -0.29
C LEU A 21 36.53 11.57 -1.35
N THR A 22 35.72 10.51 -1.41
CA THR A 22 35.91 9.40 -2.35
C THR A 22 35.20 9.62 -3.68
N ILE A 23 35.94 9.52 -4.77
CA ILE A 23 35.33 9.68 -6.08
C ILE A 23 35.18 8.32 -6.76
N MET A 24 34.01 7.72 -6.66
CA MET A 24 33.79 6.41 -7.30
C MET A 24 33.43 6.58 -8.77
N ASP A 25 34.43 6.49 -9.63
CA ASP A 25 34.25 6.62 -11.08
C ASP A 25 33.69 5.32 -11.65
N LEU A 26 32.64 4.79 -11.02
CA LEU A 26 32.01 3.55 -11.47
C LEU A 26 31.35 3.72 -12.82
N HIS A 27 32.05 3.25 -13.86
CA HIS A 27 31.55 3.32 -15.23
C HIS A 27 30.16 2.71 -15.29
N PRO A 28 29.31 3.22 -16.17
CA PRO A 28 27.93 2.74 -16.33
C PRO A 28 27.78 1.22 -16.42
N GLY A 29 26.59 0.73 -16.05
CA GLY A 29 26.32 -0.69 -16.12
C GLY A 29 26.99 -1.56 -15.06
N ALA A 30 28.01 -1.04 -14.40
CA ALA A 30 28.70 -1.80 -13.38
C ALA A 30 27.74 -2.15 -12.24
N GLY A 31 28.30 -2.40 -11.06
CA GLY A 31 27.48 -2.73 -9.91
C GLY A 31 27.33 -1.51 -9.02
N LYS A 32 27.26 -0.33 -9.66
CA LYS A 32 27.11 0.94 -8.96
C LYS A 32 26.00 0.91 -7.89
N THR A 33 24.77 1.13 -8.33
CA THR A 33 23.62 1.11 -7.42
C THR A 33 23.27 -0.33 -7.11
N LYS A 34 23.52 -1.20 -8.10
CA LYS A 34 23.26 -2.63 -7.99
C LYS A 34 23.75 -3.24 -6.67
N ARG A 35 25.06 -3.33 -6.51
CA ARG A 35 25.63 -3.95 -5.32
C ARG A 35 26.50 -3.07 -4.44
N TYR A 36 27.35 -2.26 -5.07
CA TYR A 36 28.23 -1.36 -4.32
C TYR A 36 27.56 -0.56 -3.22
N LEU A 37 26.40 0.05 -3.52
CA LEU A 37 25.70 0.87 -2.53
C LEU A 37 25.22 0.09 -1.29
N PRO A 38 24.35 -0.93 -1.49
CA PRO A 38 23.85 -1.72 -0.36
C PRO A 38 24.98 -2.14 0.55
N ALA A 39 26.08 -2.56 -0.06
CA ALA A 39 27.24 -2.97 0.70
C ALA A 39 27.67 -1.82 1.59
N ILE A 40 27.97 -0.68 0.99
CA ILE A 40 28.41 0.50 1.73
C ILE A 40 27.37 0.94 2.75
N VAL A 41 26.10 0.99 2.35
CA VAL A 41 25.04 1.41 3.27
C VAL A 41 24.98 0.51 4.49
N ARG A 42 24.74 -0.79 4.28
CA ARG A 42 24.66 -1.75 5.38
C ARG A 42 25.87 -1.65 6.30
N GLU A 43 27.03 -1.37 5.72
CA GLU A 43 28.25 -1.25 6.50
C GLU A 43 28.21 -0.02 7.39
N ALA A 44 27.58 1.05 6.91
CA ALA A 44 27.45 2.28 7.68
C ALA A 44 26.42 2.04 8.76
N ILE A 45 25.29 1.44 8.38
CA ILE A 45 24.23 1.14 9.33
C ILE A 45 24.83 0.27 10.44
N LYS A 46 25.83 -0.53 10.07
CA LYS A 46 26.50 -1.38 11.03
C LYS A 46 27.41 -0.52 11.88
N ARG A 47 28.18 0.34 11.22
CA ARG A 47 29.11 1.24 11.91
C ARG A 47 28.34 2.28 12.72
N GLY A 48 27.01 2.22 12.66
CA GLY A 48 26.19 3.17 13.39
C GLY A 48 26.44 4.59 12.91
N LEU A 49 26.30 4.80 11.61
CA LEU A 49 26.53 6.10 11.00
C LEU A 49 25.27 6.77 10.47
N ARG A 50 25.00 7.98 10.98
CA ARG A 50 23.86 8.78 10.53
C ARG A 50 24.21 9.04 9.07
N THR A 51 23.37 8.58 8.17
CA THR A 51 23.67 8.70 6.75
C THR A 51 22.68 9.47 5.91
N LEU A 52 23.21 10.04 4.82
CA LEU A 52 22.41 10.79 3.87
C LEU A 52 22.67 10.28 2.45
N ILE A 53 21.60 9.93 1.76
CA ILE A 53 21.68 9.40 0.40
C ILE A 53 20.95 10.34 -0.56
N LEU A 54 21.66 10.87 -1.55
CA LEU A 54 21.06 11.79 -2.50
C LEU A 54 20.90 11.22 -3.88
N ALA A 55 19.67 11.23 -4.37
CA ALA A 55 19.36 10.72 -5.70
C ALA A 55 19.07 11.90 -6.61
N PRO A 56 19.61 11.85 -7.85
CA PRO A 56 19.45 12.90 -8.86
C PRO A 56 18.02 13.12 -9.31
N THR A 57 17.29 12.03 -9.51
CA THR A 57 15.91 12.12 -9.98
C THR A 57 14.96 11.26 -9.15
N ARG A 58 13.67 11.41 -9.39
CA ARG A 58 12.67 10.63 -8.67
C ARG A 58 12.86 9.17 -9.07
N VAL A 59 13.17 8.95 -10.35
CA VAL A 59 13.38 7.62 -10.88
C VAL A 59 14.57 6.94 -10.23
N VAL A 60 15.71 7.62 -10.18
CA VAL A 60 16.88 7.01 -9.56
C VAL A 60 16.64 6.73 -8.08
N ALA A 61 15.69 7.46 -7.50
CA ALA A 61 15.38 7.26 -6.09
C ALA A 61 14.80 5.87 -5.90
N ALA A 62 14.09 5.38 -6.91
CA ALA A 62 13.46 4.06 -6.90
C ALA A 62 14.49 2.95 -7.10
N GLU A 63 15.40 3.17 -8.04
CA GLU A 63 16.46 2.21 -8.32
C GLU A 63 17.21 1.93 -7.03
N MET A 64 17.20 2.91 -6.12
CA MET A 64 17.89 2.79 -4.85
C MET A 64 16.99 2.24 -3.75
N GLU A 65 15.69 2.41 -3.90
CA GLU A 65 14.77 1.92 -2.90
C GLU A 65 14.82 0.41 -2.90
N GLU A 66 14.94 -0.17 -4.10
CA GLU A 66 15.02 -1.62 -4.27
C GLU A 66 16.35 -2.17 -3.76
N ALA A 67 17.45 -1.66 -4.30
CA ALA A 67 18.77 -2.11 -3.87
C ALA A 67 18.93 -1.96 -2.37
N LEU A 68 18.08 -1.13 -1.77
CA LEU A 68 18.12 -0.88 -0.33
C LEU A 68 16.88 -1.43 0.38
N ARG A 69 16.02 -2.12 -0.36
CA ARG A 69 14.80 -2.71 0.18
C ARG A 69 15.14 -3.82 1.17
N GLY A 70 15.01 -3.52 2.45
CA GLY A 70 15.32 -4.49 3.48
C GLY A 70 16.21 -3.85 4.52
N LEU A 71 16.67 -2.64 4.23
CA LEU A 71 17.53 -1.90 5.13
C LEU A 71 16.74 -0.78 5.80
N PRO A 72 17.06 -0.45 7.06
CA PRO A 72 16.38 0.61 7.82
C PRO A 72 16.66 2.01 7.29
N ILE A 73 15.86 2.45 6.32
CA ILE A 73 16.05 3.77 5.73
C ILE A 73 14.75 4.57 5.58
N ARG A 74 14.85 5.88 5.79
CA ARG A 74 13.71 6.79 5.69
C ARG A 74 13.65 7.44 4.31
N TYR A 75 12.52 7.26 3.63
CA TYR A 75 12.36 7.83 2.29
C TYR A 75 11.42 9.03 2.26
N GLN A 76 11.02 9.42 1.05
CA GLN A 76 10.11 10.56 0.84
C GLN A 76 8.88 10.10 0.06
N THR A 85 9.23 1.50 11.94
CA THR A 85 9.64 2.28 13.10
C THR A 85 9.66 3.76 12.76
N GLY A 86 10.40 4.52 13.55
CA GLY A 86 10.51 5.96 13.33
C GLY A 86 11.83 6.48 13.84
N ARG A 87 12.84 5.61 13.90
CA ARG A 87 14.15 5.99 14.41
C ARG A 87 15.30 5.49 13.54
N GLU A 88 15.17 5.58 12.22
CA GLU A 88 16.22 5.14 11.32
C GLU A 88 17.40 6.10 11.35
N ILE A 89 18.58 5.62 10.95
CA ILE A 89 19.78 6.46 10.96
C ILE A 89 20.37 6.74 9.58
N VAL A 90 19.55 6.59 8.55
CA VAL A 90 19.96 6.86 7.17
C VAL A 90 18.77 7.41 6.40
N ASP A 91 18.99 8.56 5.76
CA ASP A 91 17.96 9.24 4.98
C ASP A 91 18.22 9.19 3.47
N LEU A 92 17.16 9.31 2.69
CA LEU A 92 17.28 9.29 1.24
C LEU A 92 16.26 10.20 0.59
N MET A 93 16.75 11.16 -0.18
CA MET A 93 15.89 12.12 -0.88
C MET A 93 16.60 12.64 -2.12
N CYS A 94 15.89 13.42 -2.92
CA CYS A 94 16.46 14.01 -4.13
C CYS A 94 17.42 15.16 -3.82
N HIS A 95 18.28 15.51 -4.78
CA HIS A 95 19.23 16.61 -4.62
C HIS A 95 18.51 17.89 -4.21
N ALA A 96 17.54 18.29 -5.04
CA ALA A 96 16.75 19.51 -4.85
C ALA A 96 16.05 19.62 -3.50
N THR A 97 15.55 18.50 -3.00
CA THR A 97 14.85 18.47 -1.74
C THR A 97 15.80 18.79 -0.60
N PHE A 98 16.98 18.17 -0.65
CA PHE A 98 17.98 18.42 0.38
C PHE A 98 18.48 19.86 0.32
N THR A 99 18.81 20.36 -0.87
CA THR A 99 19.30 21.73 -0.96
C THR A 99 18.25 22.73 -0.44
N MET A 100 16.97 22.51 -0.75
CA MET A 100 15.90 23.38 -0.24
C MET A 100 15.97 23.46 1.28
N ARG A 101 16.06 22.30 1.92
CA ARG A 101 16.15 22.22 3.39
C ARG A 101 17.40 22.93 3.92
N LEU A 102 18.47 22.95 3.13
CA LEU A 102 19.68 23.63 3.57
C LEU A 102 19.42 25.15 3.68
N LEU A 103 18.42 25.65 2.95
CA LEU A 103 18.11 27.07 2.99
C LEU A 103 17.23 27.43 4.18
N SER A 104 16.71 26.41 4.86
CA SER A 104 15.85 26.60 6.02
C SER A 104 16.65 27.13 7.19
N PRO A 105 16.00 27.89 8.09
CA PRO A 105 16.71 28.44 9.26
C PRO A 105 17.02 27.33 10.27
N ILE A 106 16.47 26.15 10.03
CA ILE A 106 16.69 25.00 10.91
C ILE A 106 17.76 24.06 10.32
N ARG A 107 18.84 23.87 11.07
CA ARG A 107 19.93 23.01 10.65
C ARG A 107 19.50 21.58 10.35
N VAL A 108 20.22 20.95 9.41
CA VAL A 108 19.96 19.58 9.02
C VAL A 108 20.79 18.70 9.96
N PRO A 109 20.52 17.39 9.99
CA PRO A 109 21.26 16.48 10.85
C PRO A 109 22.75 16.52 10.53
N ASN A 110 23.60 16.25 11.53
CA ASN A 110 25.04 16.28 11.33
C ASN A 110 25.54 14.94 10.79
N TYR A 111 25.17 14.64 9.54
CA TYR A 111 25.54 13.40 8.86
C TYR A 111 27.04 13.14 8.91
N ASN A 112 27.42 11.91 9.26
CA ASN A 112 28.82 11.52 9.33
C ASN A 112 29.29 11.08 7.96
N LEU A 113 28.32 10.64 7.14
CA LEU A 113 28.59 10.18 5.79
C LEU A 113 27.47 10.61 4.86
N ILE A 114 27.85 11.13 3.70
CA ILE A 114 26.90 11.59 2.70
C ILE A 114 27.30 10.97 1.38
N ILE A 115 26.33 10.39 0.67
CA ILE A 115 26.58 9.76 -0.61
C ILE A 115 25.66 10.42 -1.62
N MET A 116 26.26 10.92 -2.70
CA MET A 116 25.50 11.57 -3.75
C MET A 116 25.56 10.70 -4.99
N ASP A 117 24.41 10.35 -5.55
CA ASP A 117 24.36 9.53 -6.75
C ASP A 117 24.31 10.41 -7.98
N GLU A 118 24.97 9.98 -9.06
CA GLU A 118 25.02 10.76 -10.31
C GLU A 118 25.45 12.19 -9.96
N ALA A 119 26.66 12.32 -9.43
CA ALA A 119 27.19 13.60 -9.00
C ALA A 119 27.79 14.50 -10.10
N HIS A 120 27.20 14.47 -11.28
CA HIS A 120 27.68 15.29 -12.39
C HIS A 120 26.58 16.21 -12.91
N PHE A 121 25.35 16.00 -12.44
CA PHE A 121 24.19 16.79 -12.85
C PHE A 121 24.50 18.29 -12.57
N THR A 122 24.55 19.10 -13.62
CA THR A 122 24.86 20.52 -13.42
C THR A 122 23.69 21.44 -13.08
N ASP A 123 22.60 20.87 -12.57
CA ASP A 123 21.48 21.73 -12.16
C ASP A 123 21.94 22.52 -10.92
N PRO A 124 21.43 23.75 -10.76
CA PRO A 124 21.78 24.63 -9.62
C PRO A 124 21.85 23.89 -8.29
N ALA A 125 20.81 23.13 -7.98
CA ALA A 125 20.78 22.39 -6.72
C ALA A 125 21.94 21.39 -6.57
N SER A 126 22.19 20.58 -7.60
CA SER A 126 23.28 19.60 -7.55
C SER A 126 24.61 20.30 -7.30
N ILE A 127 24.82 21.43 -7.98
CA ILE A 127 26.03 22.21 -7.79
C ILE A 127 26.12 22.69 -6.33
N ALA A 128 25.00 23.19 -5.78
CA ALA A 128 24.97 23.66 -4.38
C ALA A 128 25.26 22.55 -3.37
N ALA A 129 24.54 21.44 -3.50
CA ALA A 129 24.72 20.30 -2.58
C ALA A 129 26.17 19.81 -2.58
N ARG A 130 26.75 19.74 -3.77
CA ARG A 130 28.11 19.29 -3.95
C ARG A 130 29.06 20.23 -3.18
N GLY A 131 28.75 21.52 -3.23
CA GLY A 131 29.59 22.48 -2.52
C GLY A 131 29.43 22.26 -1.04
N TYR A 132 28.19 22.04 -0.60
CA TYR A 132 27.94 21.81 0.82
C TYR A 132 28.69 20.57 1.32
N ILE A 133 28.54 19.46 0.60
CA ILE A 133 29.18 18.21 0.99
C ILE A 133 30.70 18.33 1.11
N SER A 134 31.34 18.86 0.05
CA SER A 134 32.78 19.01 0.06
C SER A 134 33.24 19.89 1.23
N THR A 135 32.42 20.86 1.61
CA THR A 135 32.79 21.73 2.72
C THR A 135 32.72 20.95 4.03
N ARG A 136 31.73 20.05 4.12
CA ARG A 136 31.58 19.24 5.32
C ARG A 136 32.75 18.28 5.53
N VAL A 137 33.15 17.56 4.48
CA VAL A 137 34.27 16.64 4.63
C VAL A 137 35.54 17.39 4.98
N GLU A 138 35.81 18.48 4.25
CA GLU A 138 37.01 19.27 4.48
C GLU A 138 37.03 19.92 5.85
N MET A 139 35.86 20.03 6.49
CA MET A 139 35.80 20.61 7.83
C MET A 139 36.15 19.52 8.84
N GLY A 140 35.97 18.27 8.42
CA GLY A 140 36.26 17.14 9.28
C GLY A 140 35.03 16.60 9.99
N GLU A 141 33.87 17.16 9.65
CA GLU A 141 32.62 16.74 10.26
C GLU A 141 31.97 15.57 9.53
N ALA A 142 32.52 15.18 8.38
CA ALA A 142 31.95 14.08 7.63
C ALA A 142 32.82 13.54 6.50
N ALA A 143 32.42 12.40 5.97
CA ALA A 143 33.11 11.74 4.86
C ALA A 143 32.12 11.71 3.70
N GLY A 144 32.61 12.03 2.50
CA GLY A 144 31.73 12.06 1.34
C GLY A 144 32.08 11.14 0.20
N ILE A 145 31.07 10.82 -0.61
CA ILE A 145 31.27 9.95 -1.76
C ILE A 145 30.46 10.44 -2.94
N PHE A 146 31.17 10.82 -4.00
CA PHE A 146 30.52 11.27 -5.23
C PHE A 146 30.56 10.06 -6.16
N MET A 147 29.38 9.63 -6.62
CA MET A 147 29.29 8.48 -7.52
C MET A 147 28.96 8.89 -8.94
N THR A 148 29.95 8.84 -9.81
CA THR A 148 29.75 9.21 -11.22
C THR A 148 30.93 8.79 -12.10
N ALA A 149 30.64 8.46 -13.35
CA ALA A 149 31.65 8.05 -14.30
C ALA A 149 32.26 9.27 -15.00
N THR A 150 31.54 10.39 -14.89
CA THR A 150 31.97 11.66 -15.49
C THR A 150 32.05 12.75 -14.43
N PRO A 151 33.02 12.63 -13.51
CA PRO A 151 33.20 13.63 -12.44
C PRO A 151 33.52 15.02 -12.96
N PRO A 152 33.03 16.07 -12.26
CA PRO A 152 33.27 17.46 -12.65
C PRO A 152 34.74 17.78 -12.87
N GLY A 153 35.07 18.12 -14.11
CA GLY A 153 36.45 18.43 -14.43
C GLY A 153 36.87 17.61 -15.64
N SER A 154 36.34 16.41 -15.75
CA SER A 154 36.67 15.53 -16.87
C SER A 154 36.16 16.11 -18.17
N ARG A 155 36.83 15.78 -19.26
CA ARG A 155 36.47 16.25 -20.59
C ARG A 155 36.60 15.14 -21.62
N ASP A 156 36.55 13.90 -21.17
CA ASP A 156 36.71 12.76 -22.09
C ASP A 156 35.43 12.29 -22.76
N PRO A 157 35.26 12.61 -24.06
CA PRO A 157 34.08 12.21 -24.82
C PRO A 157 34.02 10.71 -25.17
N PHE A 158 35.16 10.03 -25.09
CA PHE A 158 35.24 8.60 -25.41
C PHE A 158 36.06 7.88 -24.32
N PRO A 159 35.45 7.66 -23.13
CA PRO A 159 36.15 6.97 -22.04
C PRO A 159 35.90 5.46 -22.02
N GLN A 160 36.72 4.75 -21.25
CA GLN A 160 36.60 3.30 -21.13
C GLN A 160 35.16 2.87 -20.88
N SER A 161 34.83 1.68 -21.38
CA SER A 161 33.49 1.14 -21.22
C SER A 161 33.57 -0.36 -20.99
N ASN A 162 32.41 -1.01 -20.94
CA ASN A 162 32.35 -2.45 -20.73
C ASN A 162 32.16 -3.18 -22.05
N ALA A 163 31.16 -2.76 -22.82
CA ALA A 163 30.85 -3.37 -24.10
C ALA A 163 31.42 -2.54 -25.26
N PRO A 164 32.05 -3.20 -26.25
CA PRO A 164 32.66 -2.56 -27.41
C PRO A 164 31.75 -1.50 -28.04
N ILE A 165 32.31 -0.32 -28.30
CA ILE A 165 31.53 0.76 -28.89
C ILE A 165 32.10 1.21 -30.25
N MET A 166 31.23 1.19 -31.26
CA MET A 166 31.61 1.59 -32.61
C MET A 166 31.39 3.10 -32.71
N ASP A 167 32.44 3.87 -32.46
CA ASP A 167 32.38 5.31 -32.52
C ASP A 167 32.57 5.86 -33.93
N GLU A 168 31.50 6.38 -34.51
CA GLU A 168 31.62 6.94 -35.85
C GLU A 168 30.61 8.06 -36.11
N GLU A 169 31.10 9.14 -36.71
CA GLU A 169 30.31 10.34 -37.02
C GLU A 169 29.54 10.25 -38.33
N ARG A 170 28.32 10.80 -38.33
CA ARG A 170 27.47 10.80 -39.52
C ARG A 170 26.54 12.01 -39.56
N GLU A 171 25.79 12.14 -40.64
CA GLU A 171 24.87 13.27 -40.81
C GLU A 171 23.49 13.01 -40.22
N ILE A 172 23.32 13.41 -38.98
CA ILE A 172 22.04 13.23 -38.28
C ILE A 172 21.11 14.37 -38.62
N PRO A 173 19.94 14.07 -39.22
CA PRO A 173 18.99 15.11 -39.58
C PRO A 173 18.56 15.93 -38.37
N GLU A 174 18.00 17.11 -38.62
CA GLU A 174 17.56 18.00 -37.55
C GLU A 174 16.05 18.10 -37.48
N ARG A 175 15.38 17.81 -38.59
CA ARG A 175 13.91 17.87 -38.62
C ARG A 175 13.28 16.87 -39.58
N SER A 176 11.99 17.07 -39.84
CA SER A 176 11.22 16.22 -40.75
C SER A 176 11.87 16.13 -42.11
N TRP A 177 11.93 14.92 -42.66
CA TRP A 177 12.54 14.70 -43.97
C TRP A 177 11.63 13.89 -44.87
N ASN A 178 11.61 14.24 -46.16
CA ASN A 178 10.77 13.54 -47.12
C ASN A 178 11.51 12.42 -47.85
N SER A 179 12.81 12.30 -47.60
CA SER A 179 13.62 11.26 -48.23
C SER A 179 15.09 11.37 -47.84
N GLY A 180 15.78 10.23 -47.84
CA GLY A 180 17.20 10.23 -47.49
C GLY A 180 17.47 9.51 -46.18
N HIS A 181 18.76 9.37 -45.85
CA HIS A 181 19.20 8.70 -44.63
C HIS A 181 18.52 7.36 -44.42
N GLU A 182 19.30 6.29 -44.49
CA GLU A 182 18.76 4.93 -44.34
C GLU A 182 18.93 4.32 -42.96
N TRP A 183 20.15 4.33 -42.43
CA TRP A 183 20.42 3.76 -41.10
C TRP A 183 19.42 4.23 -40.05
N VAL A 184 18.64 5.25 -40.38
CA VAL A 184 17.65 5.80 -39.47
C VAL A 184 16.34 5.04 -39.50
N THR A 185 15.52 5.28 -40.52
CA THR A 185 14.23 4.62 -40.63
C THR A 185 14.37 3.12 -40.90
N ASP A 186 15.61 2.65 -40.99
CA ASP A 186 15.88 1.24 -41.25
C ASP A 186 16.95 0.67 -40.31
N PHE A 187 16.53 0.23 -39.13
CA PHE A 187 17.47 -0.33 -38.15
C PHE A 187 16.80 -1.39 -37.26
N LYS A 188 17.62 -2.12 -36.52
CA LYS A 188 17.15 -3.17 -35.62
C LYS A 188 16.04 -2.66 -34.70
N GLY A 189 16.33 -1.61 -33.95
CA GLY A 189 15.33 -1.04 -33.06
C GLY A 189 15.85 -0.75 -31.66
N LYS A 190 17.16 -0.84 -31.47
CA LYS A 190 17.76 -0.59 -30.16
C LYS A 190 18.62 0.68 -30.18
N THR A 191 17.98 1.84 -30.29
CA THR A 191 18.71 3.11 -30.33
C THR A 191 18.04 4.31 -29.65
N VAL A 192 18.87 5.13 -29.00
CA VAL A 192 18.42 6.33 -28.30
C VAL A 192 18.83 7.57 -29.09
N TRP A 193 17.90 8.51 -29.23
CA TRP A 193 18.13 9.75 -29.98
C TRP A 193 17.99 10.99 -29.10
N PHE A 194 19.11 11.66 -28.81
CA PHE A 194 19.07 12.87 -27.98
C PHE A 194 18.88 14.10 -28.87
N VAL A 195 17.90 14.93 -28.53
CA VAL A 195 17.64 16.15 -29.28
C VAL A 195 17.73 17.41 -28.40
N PRO A 196 17.91 18.58 -29.03
CA PRO A 196 18.03 19.88 -28.35
C PRO A 196 16.77 20.43 -27.67
N SER A 197 15.69 20.58 -28.44
CA SER A 197 14.46 21.13 -27.88
C SER A 197 13.25 20.21 -28.04
N ILE A 198 12.22 20.48 -27.28
CA ILE A 198 10.99 19.70 -27.32
C ILE A 198 10.29 19.97 -28.64
N LYS A 199 10.44 21.21 -29.13
CA LYS A 199 9.85 21.61 -30.39
C LYS A 199 10.41 20.77 -31.53
N ALA A 200 11.70 20.49 -31.47
CA ALA A 200 12.38 19.69 -32.49
C ALA A 200 12.22 18.19 -32.23
N GLY A 201 12.05 17.84 -30.95
CA GLY A 201 11.90 16.44 -30.60
C GLY A 201 10.60 15.84 -31.13
N ASN A 202 9.62 16.69 -31.40
CA ASN A 202 8.33 16.23 -31.91
C ASN A 202 8.38 15.97 -33.40
N ASP A 203 9.25 16.68 -34.10
CA ASP A 203 9.36 16.51 -35.55
C ASP A 203 10.11 15.21 -35.88
N ILE A 204 11.34 15.08 -35.39
CA ILE A 204 12.12 13.88 -35.64
C ILE A 204 11.34 12.67 -35.14
N ALA A 205 10.44 12.91 -34.19
CA ALA A 205 9.62 11.85 -33.62
C ALA A 205 8.49 11.51 -34.59
N ALA A 206 7.74 12.54 -35.01
CA ALA A 206 6.65 12.36 -35.94
C ALA A 206 7.13 11.63 -37.18
N CYS A 207 8.26 12.07 -37.72
CA CYS A 207 8.86 11.47 -38.90
C CYS A 207 9.08 9.97 -38.73
N LEU A 208 9.61 9.57 -37.59
CA LEU A 208 9.86 8.15 -37.32
C LEU A 208 8.54 7.39 -37.20
N ARG A 209 7.44 8.12 -37.04
CA ARG A 209 6.12 7.52 -36.93
C ARG A 209 5.49 7.36 -38.31
N LYS A 210 5.60 8.41 -39.12
CA LYS A 210 5.05 8.40 -40.48
C LYS A 210 5.84 7.45 -41.36
N ASN A 211 6.95 6.92 -40.84
CA ASN A 211 7.78 5.99 -41.60
C ASN A 211 7.46 4.53 -41.27
N GLY A 212 8.03 4.03 -40.17
CA GLY A 212 7.79 2.65 -39.78
C GLY A 212 8.23 2.28 -38.37
N LYS A 213 8.05 3.20 -37.42
CA LYS A 213 8.43 2.95 -36.03
C LYS A 213 7.65 3.81 -35.05
N LYS A 214 7.29 3.22 -33.91
CA LYS A 214 6.55 3.92 -32.87
C LYS A 214 7.49 4.01 -31.67
N VAL A 215 7.98 5.21 -31.40
CA VAL A 215 8.91 5.44 -30.30
C VAL A 215 8.29 6.20 -29.13
N ILE A 216 9.09 6.41 -28.08
CA ILE A 216 8.64 7.12 -26.90
C ILE A 216 9.38 8.45 -26.76
N GLN A 217 8.62 9.49 -26.43
CA GLN A 217 9.18 10.83 -26.27
C GLN A 217 9.30 11.22 -24.80
N LEU A 218 10.53 11.20 -24.29
CA LEU A 218 10.79 11.58 -22.90
C LEU A 218 10.87 13.09 -22.85
N SER A 219 9.76 13.72 -22.46
CA SER A 219 9.69 15.18 -22.37
C SER A 219 10.59 15.81 -21.31
N ARG A 220 10.79 17.11 -21.47
CA ARG A 220 11.63 17.89 -20.57
C ARG A 220 11.30 17.62 -19.10
N LYS A 221 10.01 17.49 -18.79
CA LYS A 221 9.61 17.26 -17.40
C LYS A 221 8.58 16.15 -17.21
N THR A 222 8.74 15.07 -17.95
CA THR A 222 7.84 13.93 -17.83
C THR A 222 8.65 12.65 -17.76
N PHE A 223 9.90 12.79 -17.32
CA PHE A 223 10.81 11.64 -17.20
C PHE A 223 10.31 10.66 -16.13
N ASP A 224 9.47 11.14 -15.22
CA ASP A 224 8.93 10.32 -14.15
C ASP A 224 7.56 9.77 -14.51
N SER A 225 7.42 9.29 -15.74
CA SER A 225 6.16 8.74 -16.23
C SER A 225 6.42 7.80 -17.40
N GLU A 226 7.13 8.32 -18.40
CA GLU A 226 7.44 7.57 -19.60
C GLU A 226 8.67 6.68 -19.46
N TYR A 227 9.53 6.98 -18.48
CA TYR A 227 10.75 6.20 -18.29
C TYR A 227 10.46 4.71 -18.10
N ILE A 228 9.74 4.37 -17.03
CA ILE A 228 9.39 2.98 -16.71
C ILE A 228 9.08 2.15 -17.95
N LYS A 229 8.52 2.80 -18.97
CA LYS A 229 8.17 2.13 -20.21
C LYS A 229 9.39 1.72 -21.04
N THR A 230 10.56 2.25 -20.69
CA THR A 230 11.79 1.92 -21.41
C THR A 230 12.23 0.50 -21.04
N ARG A 231 11.72 -0.01 -19.93
CA ARG A 231 12.07 -1.34 -19.48
C ARG A 231 11.66 -2.41 -20.48
N THR A 232 10.51 -2.25 -21.13
CA THR A 232 10.07 -3.25 -22.11
C THR A 232 8.81 -2.99 -22.93
N ASN A 233 8.32 -1.75 -22.98
CA ASN A 233 7.12 -1.48 -23.77
C ASN A 233 7.34 -1.64 -25.27
N ASP A 234 8.40 -2.37 -25.62
CA ASP A 234 8.79 -2.68 -26.98
C ASP A 234 8.76 -1.52 -27.98
N TRP A 235 9.90 -0.86 -28.14
CA TRP A 235 10.06 0.27 -29.08
C TRP A 235 11.44 0.22 -29.75
N ASP A 236 11.59 0.94 -30.85
CA ASP A 236 12.84 0.95 -31.60
C ASP A 236 13.77 2.13 -31.31
N PHE A 237 13.19 3.32 -31.07
CA PHE A 237 14.00 4.51 -30.77
C PHE A 237 13.52 5.27 -29.54
N VAL A 238 14.43 6.02 -28.93
CA VAL A 238 14.11 6.82 -27.74
C VAL A 238 14.44 8.29 -28.05
N VAL A 239 13.45 9.17 -27.92
CA VAL A 239 13.66 10.59 -28.18
C VAL A 239 13.63 11.43 -26.90
N THR A 240 14.80 11.57 -26.26
CA THR A 240 14.89 12.35 -25.03
C THR A 240 15.57 13.69 -25.20
N THR A 241 15.64 14.44 -24.10
CA THR A 241 16.32 15.72 -24.04
C THR A 241 17.39 15.53 -22.98
N ASP A 242 18.11 16.59 -22.64
CA ASP A 242 19.17 16.51 -21.64
C ASP A 242 18.91 15.59 -20.44
N ILE A 243 17.68 15.60 -19.93
CA ILE A 243 17.31 14.81 -18.75
C ILE A 243 17.80 13.36 -18.69
N SER A 244 17.79 12.63 -19.80
CA SER A 244 18.24 11.25 -19.77
C SER A 244 19.63 11.06 -19.19
N GLU A 245 20.52 12.00 -19.49
CA GLU A 245 21.90 11.96 -19.02
C GLU A 245 22.10 11.65 -17.52
N MET A 246 21.03 11.72 -16.74
CA MET A 246 21.12 11.44 -15.31
C MET A 246 20.25 10.28 -14.83
N GLY A 247 20.83 9.08 -14.81
CA GLY A 247 20.11 7.90 -14.36
C GLY A 247 19.01 7.37 -15.26
N ALA A 248 19.29 7.26 -16.56
CA ALA A 248 18.31 6.75 -17.51
C ALA A 248 18.88 5.54 -18.24
N ASN A 249 18.17 4.42 -18.17
CA ASN A 249 18.58 3.18 -18.81
C ASN A 249 17.46 2.66 -19.71
N PHE A 250 17.74 2.58 -21.02
CA PHE A 250 16.76 2.11 -21.98
C PHE A 250 17.31 0.96 -22.83
N LYS A 251 16.48 0.42 -23.72
CA LYS A 251 16.87 -0.66 -24.62
C LYS A 251 17.60 -0.09 -25.83
N ALA A 252 18.86 -0.49 -26.03
CA ALA A 252 19.60 0.03 -27.17
C ALA A 252 20.98 -0.61 -27.40
N GLU A 253 21.34 -0.75 -28.66
CA GLU A 253 22.63 -1.30 -29.05
C GLU A 253 23.40 -0.17 -29.73
N ARG A 254 22.70 0.95 -29.97
CA ARG A 254 23.29 2.12 -30.61
C ARG A 254 22.53 3.39 -30.22
N VAL A 255 23.21 4.54 -30.33
CA VAL A 255 22.60 5.83 -29.99
C VAL A 255 22.99 6.90 -31.02
N ILE A 256 22.03 7.76 -31.34
CA ILE A 256 22.22 8.86 -32.28
C ILE A 256 22.42 10.15 -31.46
N ASP A 257 23.59 10.76 -31.57
CA ASP A 257 23.85 11.97 -30.81
C ASP A 257 24.38 13.20 -31.58
N PRO A 258 23.47 14.11 -31.97
CA PRO A 258 23.85 15.32 -32.70
C PRO A 258 24.50 16.39 -31.81
N ARG A 259 24.89 15.99 -30.60
CA ARG A 259 25.55 16.86 -29.62
C ARG A 259 24.96 18.27 -29.45
N ARG A 260 23.64 18.38 -29.45
CA ARG A 260 22.99 19.67 -29.29
C ARG A 260 22.16 19.80 -28.00
N CYS A 261 22.01 21.04 -27.54
CA CYS A 261 21.23 21.33 -26.35
C CYS A 261 20.90 22.81 -26.29
N MET A 262 19.96 23.16 -25.43
CA MET A 262 19.58 24.55 -25.24
C MET A 262 20.14 24.85 -23.86
N LYS A 263 20.37 26.11 -23.53
CA LYS A 263 20.88 26.40 -22.20
C LYS A 263 20.49 27.79 -21.74
N PRO A 264 20.04 27.91 -20.49
CA PRO A 264 19.63 29.22 -19.97
C PRO A 264 20.80 30.18 -19.84
N VAL A 265 20.60 31.40 -20.29
CA VAL A 265 21.63 32.43 -20.22
C VAL A 265 21.04 33.74 -19.71
N ILE A 266 21.75 34.39 -18.82
CA ILE A 266 21.31 35.65 -18.28
C ILE A 266 21.85 36.79 -19.15
N LEU A 267 20.95 37.48 -19.84
CA LEU A 267 21.31 38.60 -20.69
C LEU A 267 21.34 39.86 -19.82
N THR A 268 22.01 40.90 -20.29
CA THR A 268 22.11 42.13 -19.52
C THR A 268 21.97 43.44 -20.35
N ASP A 269 21.33 43.37 -21.51
CA ASP A 269 21.15 44.57 -22.32
C ASP A 269 20.33 45.60 -21.54
N GLY A 270 19.04 45.68 -21.86
CA GLY A 270 18.16 46.60 -21.15
C GLY A 270 17.89 45.99 -19.79
N GLU A 271 16.70 45.42 -19.62
CA GLU A 271 16.36 44.76 -18.38
C GLU A 271 17.08 43.41 -18.34
N GLU A 272 17.52 42.98 -17.16
CA GLU A 272 18.17 41.68 -17.07
C GLU A 272 17.06 40.65 -17.27
N ARG A 273 17.33 39.62 -18.07
CA ARG A 273 16.35 38.57 -18.36
C ARG A 273 17.06 37.23 -18.63
N VAL A 274 16.33 36.13 -18.58
CA VAL A 274 16.93 34.84 -18.86
C VAL A 274 16.40 34.33 -20.19
N ILE A 275 17.32 33.95 -21.07
CA ILE A 275 16.98 33.42 -22.38
C ILE A 275 17.44 31.98 -22.48
N LEU A 276 16.92 31.24 -23.46
CA LEU A 276 17.35 29.87 -23.71
C LEU A 276 18.09 29.96 -25.05
N ALA A 277 19.42 30.06 -24.99
CA ALA A 277 20.24 30.22 -26.19
C ALA A 277 20.05 29.08 -27.17
N GLY A 278 19.85 29.45 -28.45
CA GLY A 278 19.64 28.49 -29.53
C GLY A 278 20.53 27.26 -29.45
N PRO A 279 20.15 26.15 -30.12
CA PRO A 279 20.92 24.90 -30.13
C PRO A 279 22.43 25.07 -30.22
N MET A 280 23.15 24.66 -29.17
CA MET A 280 24.60 24.78 -29.14
C MET A 280 25.25 23.44 -28.77
N PRO A 281 26.59 23.37 -28.83
CA PRO A 281 27.33 22.15 -28.51
C PRO A 281 27.18 21.74 -27.03
N VAL A 282 27.05 20.45 -26.80
CA VAL A 282 26.95 19.96 -25.44
C VAL A 282 28.38 19.84 -24.95
N THR A 283 28.56 19.58 -23.66
CA THR A 283 29.87 19.43 -23.05
C THR A 283 30.46 18.04 -23.33
N HIS A 284 31.77 17.89 -23.17
CA HIS A 284 32.40 16.61 -23.44
C HIS A 284 31.85 15.54 -22.51
N SER A 285 31.84 15.84 -21.20
CA SER A 285 31.32 14.90 -20.22
C SER A 285 29.88 14.58 -20.57
N SER A 286 29.17 15.58 -21.05
CA SER A 286 27.78 15.39 -21.46
C SER A 286 27.74 14.45 -22.65
N ALA A 287 28.68 14.62 -23.57
CA ALA A 287 28.75 13.80 -24.77
C ALA A 287 28.99 12.35 -24.35
N ALA A 288 29.87 12.16 -23.37
CA ALA A 288 30.18 10.84 -22.87
C ALA A 288 28.91 10.22 -22.31
N GLN A 289 28.27 10.94 -21.39
CA GLN A 289 27.03 10.50 -20.75
C GLN A 289 26.02 10.01 -21.77
N ARG A 290 25.94 10.68 -22.91
CA ARG A 290 25.00 10.29 -23.96
C ARG A 290 25.42 8.99 -24.62
N ARG A 291 26.73 8.79 -24.79
CA ARG A 291 27.25 7.57 -25.42
C ARG A 291 27.23 6.45 -24.38
N GLY A 292 27.52 6.83 -23.13
CA GLY A 292 27.53 5.86 -22.04
C GLY A 292 26.24 5.08 -21.88
N ARG A 293 25.21 5.40 -22.66
CA ARG A 293 23.95 4.67 -22.56
C ARG A 293 24.10 3.28 -23.20
N VAL A 294 25.26 3.03 -23.80
CA VAL A 294 25.55 1.75 -24.40
C VAL A 294 26.97 1.37 -23.99
N GLY A 295 27.52 0.35 -24.63
CA GLY A 295 28.87 -0.09 -24.31
C GLY A 295 29.05 -0.41 -22.84
N ARG A 296 27.94 -0.60 -22.15
CA ARG A 296 27.96 -0.90 -20.72
C ARG A 296 27.34 -2.27 -20.47
N ASN A 297 27.08 -3.00 -21.55
CA ASN A 297 26.47 -4.32 -21.45
C ASN A 297 27.48 -5.47 -21.46
N PRO A 298 27.08 -6.64 -20.93
CA PRO A 298 27.92 -7.84 -20.85
C PRO A 298 28.63 -8.29 -22.14
N LYS A 299 28.16 -9.40 -22.71
CA LYS A 299 28.74 -9.98 -23.91
C LYS A 299 28.60 -9.14 -25.18
N ASN A 300 27.52 -8.37 -25.30
CA ASN A 300 27.30 -7.52 -26.47
C ASN A 300 28.60 -6.95 -27.03
N GLU A 301 28.68 -6.84 -28.36
CA GLU A 301 29.88 -6.29 -29.02
C GLU A 301 29.50 -5.32 -30.14
N ASN A 302 28.29 -5.46 -30.65
CA ASN A 302 27.80 -4.62 -31.74
C ASN A 302 27.05 -3.37 -31.30
N ASP A 303 27.65 -2.62 -30.38
CA ASP A 303 27.04 -1.39 -29.88
C ASP A 303 27.78 -0.17 -30.43
N GLN A 304 27.17 0.50 -31.40
CA GLN A 304 27.77 1.67 -32.02
C GLN A 304 27.20 3.01 -31.56
N TYR A 305 28.01 4.06 -31.74
CA TYR A 305 27.64 5.41 -31.37
C TYR A 305 27.74 6.30 -32.61
N ILE A 306 26.65 6.97 -32.96
CA ILE A 306 26.63 7.84 -34.13
C ILE A 306 26.49 9.29 -33.68
N TYR A 307 27.59 10.04 -33.73
CA TYR A 307 27.60 11.43 -33.30
C TYR A 307 27.95 12.42 -34.39
N MET A 308 27.25 13.56 -34.40
CA MET A 308 27.49 14.63 -35.35
C MET A 308 27.97 15.84 -34.56
N GLY A 309 28.93 16.58 -35.12
CA GLY A 309 29.43 17.76 -34.44
C GLY A 309 30.42 17.47 -33.32
N GLU A 310 31.09 18.53 -32.85
CA GLU A 310 32.09 18.41 -31.80
C GLU A 310 31.56 19.13 -30.55
N PRO A 311 32.13 18.83 -29.37
CA PRO A 311 31.68 19.47 -28.12
C PRO A 311 32.55 20.69 -27.77
N LEU A 312 32.09 21.48 -26.81
CA LEU A 312 32.85 22.65 -26.35
C LEU A 312 32.93 22.59 -24.82
N GLU A 313 33.75 23.44 -24.21
CA GLU A 313 33.89 23.40 -22.76
C GLU A 313 33.62 24.65 -21.93
N ASN A 314 33.21 25.74 -22.57
CA ASN A 314 32.93 26.94 -21.80
C ASN A 314 31.44 27.04 -21.54
N ASP A 315 30.98 26.25 -20.56
CA ASP A 315 29.57 26.23 -20.18
C ASP A 315 29.38 27.34 -19.15
N GLU A 316 30.41 28.17 -19.01
CA GLU A 316 30.44 29.27 -18.06
C GLU A 316 29.39 30.37 -18.18
N ASP A 317 28.84 30.57 -19.37
CA ASP A 317 27.82 31.61 -19.50
C ASP A 317 26.43 31.03 -19.22
N CYS A 318 26.39 29.75 -18.82
CA CYS A 318 25.13 29.10 -18.49
C CYS A 318 24.64 29.68 -17.18
N ALA A 319 23.35 29.96 -17.09
CA ALA A 319 22.78 30.54 -15.88
C ALA A 319 22.98 29.67 -14.61
N HIS A 320 22.99 28.36 -14.75
CA HIS A 320 23.15 27.48 -13.59
C HIS A 320 24.29 27.82 -12.62
N TRP A 321 25.42 28.32 -13.12
CA TRP A 321 26.53 28.63 -12.22
C TRP A 321 26.18 29.78 -11.26
N LYS A 322 25.63 30.88 -11.78
CA LYS A 322 25.24 31.99 -10.92
C LYS A 322 24.06 31.54 -10.05
N GLU A 323 23.17 30.72 -10.62
CA GLU A 323 22.02 30.25 -9.85
C GLU A 323 22.45 29.35 -8.69
N ALA A 324 23.45 28.50 -8.93
CA ALA A 324 23.92 27.62 -7.85
C ALA A 324 24.51 28.50 -6.77
N LYS A 325 25.05 29.63 -7.18
CA LYS A 325 25.67 30.59 -6.26
C LYS A 325 24.59 31.29 -5.44
N MET A 326 23.45 31.59 -6.06
CA MET A 326 22.35 32.22 -5.34
C MET A 326 21.88 31.29 -4.23
N LEU A 327 21.95 29.97 -4.45
CA LEU A 327 21.53 29.02 -3.41
C LEU A 327 22.57 28.89 -2.30
N LEU A 328 23.84 28.75 -2.66
CA LEU A 328 24.91 28.61 -1.66
C LEU A 328 25.06 29.82 -0.72
N ASP A 329 24.96 31.03 -1.26
CA ASP A 329 25.09 32.21 -0.40
C ASP A 329 23.97 32.23 0.63
N ASN A 330 22.94 31.41 0.41
CA ASN A 330 21.81 31.33 1.32
C ASN A 330 21.78 30.09 2.20
N ILE A 331 22.81 29.24 2.10
CA ILE A 331 22.86 28.04 2.93
C ILE A 331 23.13 28.41 4.37
N ASN A 332 22.34 27.84 5.28
CA ASN A 332 22.49 28.09 6.71
C ASN A 332 23.53 27.16 7.31
N THR A 333 24.58 27.73 7.90
CA THR A 333 25.63 26.91 8.52
C THR A 333 25.93 27.43 9.94
N PRO A 334 26.04 26.50 10.91
CA PRO A 334 26.32 26.80 12.32
C PRO A 334 27.34 27.93 12.58
N GLU A 335 28.41 27.96 11.79
CA GLU A 335 29.43 28.99 11.97
C GLU A 335 29.08 30.29 11.24
N GLY A 336 28.29 30.19 10.18
CA GLY A 336 27.92 31.37 9.43
C GLY A 336 28.86 31.59 8.25
N ILE A 337 29.83 30.72 8.11
CA ILE A 337 30.79 30.80 7.02
C ILE A 337 30.17 30.11 5.80
N ILE A 338 30.05 30.85 4.70
CA ILE A 338 29.44 30.32 3.49
C ILE A 338 30.22 29.22 2.77
N PRO A 339 29.53 28.10 2.46
CA PRO A 339 30.09 26.95 1.78
C PRO A 339 30.63 27.32 0.40
N SER A 340 31.85 26.90 0.10
CA SER A 340 32.42 27.20 -1.20
C SER A 340 31.98 26.09 -2.16
N MET A 341 32.26 26.27 -3.44
CA MET A 341 31.88 25.26 -4.42
C MET A 341 32.91 24.13 -4.42
N PHE A 342 32.50 22.96 -4.89
CA PHE A 342 33.39 21.80 -4.98
C PHE A 342 34.63 22.25 -5.78
N GLU A 343 35.81 21.98 -5.22
CA GLU A 343 37.09 22.35 -5.84
C GLU A 343 37.16 22.60 -7.35
N PRO A 344 36.76 21.61 -8.18
CA PRO A 344 36.81 21.77 -9.64
C PRO A 344 35.79 22.70 -10.30
N GLU A 345 34.84 23.21 -9.54
CA GLU A 345 33.80 24.07 -10.11
C GLU A 345 33.90 25.53 -9.65
N ARG A 346 34.80 25.78 -8.69
CA ARG A 346 35.01 27.13 -8.16
C ARG A 346 35.15 28.12 -9.31
N GLU A 347 35.89 27.72 -10.33
CA GLU A 347 36.12 28.55 -11.50
C GLU A 347 35.03 28.38 -12.55
N LYS A 348 33.90 29.04 -12.34
CA LYS A 348 32.78 28.99 -13.26
C LYS A 348 32.03 30.32 -13.08
N VAL A 349 32.18 30.88 -11.89
CA VAL A 349 31.57 32.16 -11.53
C VAL A 349 32.60 32.93 -10.73
N ASP A 350 32.74 34.21 -11.02
CA ASP A 350 33.70 35.04 -10.32
C ASP A 350 33.00 36.13 -9.52
N ALA A 351 32.16 35.70 -8.59
CA ALA A 351 31.39 36.60 -7.75
C ALA A 351 31.79 36.54 -6.27
N ILE A 352 31.64 37.67 -5.58
CA ILE A 352 31.98 37.74 -4.17
C ILE A 352 31.13 36.75 -3.39
N ASP A 353 31.74 36.01 -2.46
CA ASP A 353 31.00 35.05 -1.65
C ASP A 353 30.01 35.80 -0.78
N GLY A 354 28.71 35.57 -1.01
CA GLY A 354 27.69 36.23 -0.21
C GLY A 354 26.99 37.39 -0.90
N GLU A 355 27.26 37.58 -2.19
CA GLU A 355 26.65 38.64 -2.97
C GLU A 355 25.13 38.41 -3.07
N TYR A 356 24.70 37.17 -2.87
CA TYR A 356 23.29 36.84 -2.98
C TYR A 356 22.58 36.53 -1.68
N ARG A 357 23.29 36.57 -0.57
CA ARG A 357 22.64 36.26 0.69
C ARG A 357 21.50 37.24 1.01
N LEU A 358 20.33 36.69 1.31
CA LEU A 358 19.15 37.49 1.63
C LEU A 358 18.92 37.39 3.13
N ARG A 359 17.98 38.18 3.66
CA ARG A 359 17.63 38.15 5.08
C ARG A 359 16.52 37.14 5.31
N GLY A 360 16.44 36.63 6.53
CA GLY A 360 15.44 35.63 6.89
C GLY A 360 14.09 35.55 6.18
N GLU A 361 13.33 36.64 6.19
CA GLU A 361 12.01 36.64 5.58
C GLU A 361 11.99 36.58 4.06
N ALA A 362 12.98 37.16 3.40
CA ALA A 362 13.02 37.11 1.95
C ALA A 362 13.49 35.73 1.48
N ARG A 363 14.39 35.13 2.26
CA ARG A 363 14.94 33.81 1.96
C ARG A 363 13.83 32.76 1.98
N LYS A 364 12.90 32.89 2.93
CA LYS A 364 11.78 31.96 3.03
C LYS A 364 10.92 32.07 1.78
N THR A 365 10.64 33.31 1.37
CA THR A 365 9.86 33.59 0.17
C THR A 365 10.56 33.00 -1.05
N PHE A 366 11.88 33.16 -1.07
CA PHE A 366 12.73 32.67 -2.14
C PHE A 366 12.49 31.16 -2.21
N VAL A 367 12.61 30.50 -1.06
CA VAL A 367 12.39 29.07 -1.01
C VAL A 367 11.00 28.73 -1.54
N ASP A 368 9.98 29.35 -0.96
CA ASP A 368 8.60 29.08 -1.37
C ASP A 368 8.34 29.23 -2.85
N LEU A 369 8.83 30.31 -3.44
CA LEU A 369 8.67 30.55 -4.86
C LEU A 369 9.28 29.40 -5.69
N MET A 370 10.31 28.74 -5.16
CA MET A 370 10.95 27.61 -5.85
C MET A 370 10.23 26.27 -5.55
N ARG A 371 9.86 26.04 -4.30
CA ARG A 371 9.18 24.80 -3.90
C ARG A 371 7.70 24.75 -4.25
N ARG A 372 6.94 25.76 -3.84
CA ARG A 372 5.51 25.80 -4.10
C ARG A 372 5.14 26.45 -5.44
N GLY A 373 5.97 27.39 -5.89
CA GLY A 373 5.72 28.07 -7.15
C GLY A 373 6.29 27.40 -8.39
N ASP A 374 7.29 26.55 -8.20
CA ASP A 374 7.94 25.86 -9.33
C ASP A 374 8.62 26.86 -10.26
N LEU A 375 9.27 27.87 -9.70
CA LEU A 375 9.92 28.86 -10.53
C LEU A 375 11.45 28.65 -10.49
N PRO A 376 12.12 28.93 -11.60
CA PRO A 376 13.57 28.74 -11.58
C PRO A 376 14.22 29.64 -10.53
N VAL A 377 15.43 29.29 -10.10
CA VAL A 377 16.17 30.04 -9.10
C VAL A 377 16.30 31.54 -9.41
N TRP A 378 16.70 31.89 -10.62
CA TRP A 378 16.87 33.30 -10.99
C TRP A 378 15.62 34.15 -10.79
N LEU A 379 14.48 33.65 -11.28
CA LEU A 379 13.21 34.34 -11.18
C LEU A 379 12.72 34.48 -9.74
N ALA A 380 12.76 33.39 -8.98
CA ALA A 380 12.34 33.43 -7.58
C ALA A 380 13.19 34.37 -6.74
N TYR A 381 14.48 34.46 -7.07
CA TYR A 381 15.40 35.34 -6.34
C TYR A 381 15.04 36.80 -6.61
N ARG A 382 14.87 37.16 -7.88
CA ARG A 382 14.52 38.53 -8.22
C ARG A 382 13.19 38.96 -7.59
N VAL A 383 12.23 38.04 -7.57
CA VAL A 383 10.93 38.35 -6.98
C VAL A 383 11.07 38.53 -5.48
N ALA A 384 11.82 37.64 -4.83
CA ALA A 384 12.02 37.73 -3.37
C ALA A 384 12.85 38.94 -3.01
N ALA A 385 13.90 39.17 -3.79
CA ALA A 385 14.79 40.31 -3.58
C ALA A 385 14.03 41.63 -3.70
N GLU A 386 12.87 41.61 -4.35
CA GLU A 386 12.09 42.82 -4.51
C GLU A 386 11.05 43.02 -3.38
N GLY A 387 11.14 42.17 -2.36
CA GLY A 387 10.23 42.28 -1.23
C GLY A 387 8.80 41.79 -1.45
N ILE A 388 8.52 41.25 -2.63
CA ILE A 388 7.19 40.74 -2.93
C ILE A 388 6.87 39.52 -2.06
N ASN A 389 5.60 39.38 -1.68
CA ASN A 389 5.13 38.29 -0.83
C ASN A 389 4.71 37.13 -1.74
N TYR A 390 4.85 35.89 -1.28
CA TYR A 390 4.48 34.74 -2.08
C TYR A 390 3.10 34.82 -2.76
N ALA A 391 2.06 35.13 -1.99
CA ALA A 391 0.70 35.20 -2.52
C ALA A 391 0.42 36.36 -3.48
N ASP A 392 1.13 37.47 -3.33
CA ASP A 392 0.95 38.67 -4.18
C ASP A 392 1.40 38.49 -5.62
N ARG A 393 0.49 38.06 -6.49
CA ARG A 393 0.82 37.85 -7.89
C ARG A 393 0.79 39.08 -8.83
N ARG A 394 0.67 40.29 -8.29
CA ARG A 394 0.63 41.47 -9.17
C ARG A 394 1.77 41.54 -10.18
N TRP A 395 2.99 41.18 -9.76
CA TRP A 395 4.15 41.22 -10.65
C TRP A 395 3.98 40.39 -11.92
N CYS A 396 2.95 39.55 -11.97
CA CYS A 396 2.73 38.70 -13.14
C CYS A 396 2.05 39.41 -14.29
N PHE A 397 1.56 40.62 -14.06
CA PHE A 397 0.86 41.34 -15.13
C PHE A 397 1.32 42.78 -15.34
N ASP A 398 2.19 43.29 -14.47
CA ASP A 398 2.62 44.67 -14.57
C ASP A 398 3.98 44.98 -15.22
N GLY A 399 4.54 44.05 -15.97
CA GLY A 399 5.82 44.29 -16.61
C GLY A 399 5.71 45.17 -17.85
N VAL A 400 6.85 45.57 -18.40
CA VAL A 400 6.85 46.42 -19.60
C VAL A 400 6.20 45.73 -20.80
N LYS A 401 5.91 46.53 -21.82
CA LYS A 401 5.29 46.03 -23.06
C LYS A 401 6.07 44.90 -23.73
N ASN A 402 7.38 44.86 -23.50
CA ASN A 402 8.22 43.82 -24.10
C ASN A 402 8.09 42.43 -23.47
N ASN A 403 7.39 42.36 -22.33
CA ASN A 403 7.23 41.08 -21.65
C ASN A 403 5.85 40.46 -21.78
N GLN A 404 5.11 40.83 -22.83
CA GLN A 404 3.77 40.26 -23.06
C GLN A 404 4.04 38.93 -23.76
N ILE A 405 3.42 37.86 -23.26
CA ILE A 405 3.61 36.53 -23.83
C ILE A 405 2.55 36.15 -24.87
N LEU A 406 2.98 35.48 -25.94
CA LEU A 406 2.07 35.09 -27.02
C LEU A 406 2.27 33.65 -27.46
N GLU A 407 1.21 33.04 -27.98
CA GLU A 407 1.29 31.65 -28.45
C GLU A 407 1.78 31.61 -29.90
N GLU A 408 0.94 32.10 -30.81
CA GLU A 408 1.28 32.14 -32.22
C GLU A 408 1.48 33.61 -32.60
N ASN A 409 0.74 34.46 -31.91
CA ASN A 409 0.76 35.90 -32.09
C ASN A 409 -0.41 36.42 -31.27
N VAL A 410 -1.08 35.47 -30.61
CA VAL A 410 -2.23 35.75 -29.78
C VAL A 410 -1.76 35.94 -28.35
N GLU A 411 -1.90 37.16 -27.84
CA GLU A 411 -1.50 37.48 -26.49
C GLU A 411 -2.23 36.58 -25.50
N VAL A 412 -1.48 35.88 -24.65
CA VAL A 412 -2.08 35.00 -23.66
C VAL A 412 -2.72 35.82 -22.55
N GLU A 413 -3.91 35.41 -22.12
CA GLU A 413 -4.62 36.11 -21.05
C GLU A 413 -4.76 35.15 -19.88
N ILE A 414 -5.03 35.70 -18.70
CA ILE A 414 -5.16 34.88 -17.51
C ILE A 414 -6.47 35.07 -16.76
N TRP A 415 -7.17 33.97 -16.52
CA TRP A 415 -8.41 34.02 -15.76
C TRP A 415 -8.03 33.71 -14.33
N THR A 416 -7.92 34.75 -13.51
CA THR A 416 -7.56 34.60 -12.11
C THR A 416 -8.73 33.94 -11.37
N LYS A 417 -8.44 33.29 -10.25
CA LYS A 417 -9.51 32.63 -9.49
C LYS A 417 -10.37 33.67 -8.78
N GLU A 418 -10.07 34.95 -9.02
CA GLU A 418 -10.83 36.04 -8.43
C GLU A 418 -11.90 36.52 -9.40
N GLY A 419 -11.77 36.13 -10.67
CA GLY A 419 -12.76 36.52 -11.66
C GLY A 419 -12.28 37.32 -12.87
N GLU A 420 -11.20 38.09 -12.71
CA GLU A 420 -10.67 38.92 -13.80
C GLU A 420 -10.03 38.16 -14.95
N ARG A 421 -9.84 38.88 -16.06
CA ARG A 421 -9.20 38.33 -17.25
C ARG A 421 -8.09 39.32 -17.60
N LYS A 422 -6.83 38.94 -17.32
CA LYS A 422 -5.69 39.81 -17.56
C LYS A 422 -4.66 39.27 -18.55
N LYS A 423 -3.90 40.17 -19.17
CA LYS A 423 -2.84 39.80 -20.12
C LYS A 423 -1.54 39.45 -19.39
N LEU A 424 -0.95 38.32 -19.75
CA LEU A 424 0.28 37.85 -19.12
C LEU A 424 1.52 38.67 -19.48
N LYS A 425 1.93 39.53 -18.55
CA LYS A 425 3.09 40.40 -18.75
C LYS A 425 3.93 40.48 -17.48
N PRO A 426 4.73 39.43 -17.19
CA PRO A 426 5.57 39.40 -15.98
C PRO A 426 6.68 40.45 -15.94
N ARG A 427 6.86 41.04 -14.77
CA ARG A 427 7.86 42.08 -14.56
C ARG A 427 9.28 41.64 -14.86
N TRP A 428 9.56 40.38 -14.58
CA TRP A 428 10.87 39.80 -14.86
C TRP A 428 10.59 38.71 -15.85
N LEU A 429 11.45 38.59 -16.84
CA LEU A 429 11.25 37.60 -17.88
C LEU A 429 12.28 36.45 -17.86
N ASP A 430 11.80 35.23 -17.67
CA ASP A 430 12.64 34.03 -17.66
C ASP A 430 11.96 33.15 -18.68
N ALA A 431 12.63 32.90 -19.79
CA ALA A 431 12.05 32.09 -20.86
C ALA A 431 11.76 30.63 -20.47
N ARG A 432 12.32 30.17 -19.36
CA ARG A 432 12.10 28.79 -18.94
C ARG A 432 10.68 28.56 -18.46
N ILE A 433 10.00 29.67 -18.23
CA ILE A 433 8.64 29.69 -17.74
C ILE A 433 7.61 29.69 -18.88
N TYR A 434 8.05 29.90 -20.12
CA TYR A 434 7.08 29.94 -21.22
C TYR A 434 7.47 29.27 -22.54
N SER A 435 8.67 28.71 -22.61
CA SER A 435 9.12 28.07 -23.84
C SER A 435 8.33 26.80 -24.15
N ASP A 436 8.27 25.90 -23.17
CA ASP A 436 7.53 24.65 -23.30
C ASP A 436 6.08 24.86 -22.82
N PRO A 437 5.09 24.56 -23.67
CA PRO A 437 3.66 24.71 -23.35
C PRO A 437 3.25 24.15 -21.99
N LEU A 438 3.87 23.05 -21.59
CA LEU A 438 3.55 22.43 -20.30
C LEU A 438 4.00 23.36 -19.18
N ALA A 439 5.10 24.06 -19.40
CA ALA A 439 5.65 24.99 -18.41
C ALA A 439 4.78 26.24 -18.37
N LEU A 440 4.33 26.68 -19.54
CA LEU A 440 3.48 27.85 -19.61
C LEU A 440 2.20 27.59 -18.83
N LYS A 441 1.71 26.36 -18.92
CA LYS A 441 0.49 25.92 -18.25
C LYS A 441 0.64 26.09 -16.75
N GLU A 442 1.72 25.54 -16.21
CA GLU A 442 1.99 25.64 -14.79
C GLU A 442 2.10 27.10 -14.37
N PHE A 443 2.80 27.90 -15.16
CA PHE A 443 2.99 29.29 -14.84
C PHE A 443 1.68 30.07 -14.84
N LYS A 444 0.77 29.69 -15.74
CA LYS A 444 -0.53 30.33 -15.85
C LYS A 444 -1.26 30.06 -14.54
N GLU A 445 -1.14 28.83 -14.07
CA GLU A 445 -1.77 28.41 -12.83
C GLU A 445 -1.18 29.26 -11.69
N PHE A 446 0.11 29.57 -11.78
CA PHE A 446 0.77 30.39 -10.76
C PHE A 446 0.22 31.82 -10.84
N ALA A 447 0.19 32.37 -12.06
CA ALA A 447 -0.30 33.73 -12.29
C ALA A 447 -1.78 33.88 -11.90
N ALA A 448 -2.56 32.82 -12.09
CA ALA A 448 -3.99 32.85 -11.75
C ALA A 448 -4.22 32.90 -10.24
N GLY A 449 -3.23 32.48 -9.46
CA GLY A 449 -3.34 32.49 -8.02
C GLY A 449 -3.78 31.17 -7.42
N ARG A 450 -3.79 30.12 -8.23
CA ARG A 450 -4.20 28.79 -7.79
C ARG A 450 -2.99 27.94 -7.43
N LYS A 451 -2.07 28.50 -6.67
CA LYS A 451 -0.86 27.79 -6.28
C LYS A 451 0.02 28.70 -5.42
N ALA B 1 -13.51 -55.88 -4.09
CA ALA B 1 -12.52 -54.76 -4.15
C ALA B 1 -13.21 -53.41 -4.24
N MET B 2 -12.42 -52.36 -4.42
CA MET B 2 -12.94 -51.00 -4.51
C MET B 2 -12.08 -50.19 -5.46
N ALA B 3 -12.61 -49.05 -5.88
CA ALA B 3 -11.88 -48.15 -6.75
C ALA B 3 -11.32 -47.03 -5.87
N SER B 4 -10.14 -46.55 -6.22
CA SER B 4 -9.49 -45.48 -5.47
C SER B 4 -10.40 -44.27 -5.26
N ILE B 5 -11.22 -43.95 -6.24
CA ILE B 5 -12.11 -42.79 -6.17
C ILE B 5 -13.10 -42.78 -5.00
N GLU B 6 -13.45 -43.95 -4.48
CA GLU B 6 -14.42 -44.00 -3.40
C GLU B 6 -13.99 -43.38 -2.07
N ASP B 7 -12.71 -43.47 -1.72
CA ASP B 7 -12.25 -42.91 -0.46
C ASP B 7 -11.04 -41.98 -0.60
N ASN B 8 -10.26 -42.17 -1.66
CA ASN B 8 -9.08 -41.32 -1.85
C ASN B 8 -8.99 -40.65 -3.21
N PRO B 9 -9.95 -39.77 -3.52
CA PRO B 9 -9.95 -39.05 -4.80
C PRO B 9 -8.62 -38.32 -4.98
N GLU B 10 -8.06 -38.34 -6.18
CA GLU B 10 -6.79 -37.66 -6.42
C GLU B 10 -6.98 -36.17 -6.16
N ILE B 11 -6.02 -35.57 -5.47
CA ILE B 11 -6.08 -34.14 -5.18
C ILE B 11 -5.05 -33.45 -6.04
N GLU B 12 -5.41 -32.27 -6.54
CA GLU B 12 -4.49 -31.52 -7.38
C GLU B 12 -3.16 -31.40 -6.65
N ASP B 13 -2.08 -31.64 -7.39
CA ASP B 13 -0.72 -31.58 -6.84
C ASP B 13 -0.33 -30.20 -6.33
N ASP B 14 -0.33 -29.21 -7.22
CA ASP B 14 0.07 -27.84 -6.88
C ASP B 14 -0.53 -27.31 -5.57
N ILE B 15 -1.67 -27.85 -5.19
CA ILE B 15 -2.37 -27.44 -3.98
C ILE B 15 -1.53 -27.35 -2.71
N PHE B 16 -0.60 -28.28 -2.53
CA PHE B 16 0.25 -28.31 -1.34
C PHE B 16 1.51 -27.48 -1.49
N ARG B 17 1.63 -26.74 -2.58
CA ARG B 17 2.82 -25.93 -2.81
C ARG B 17 2.77 -24.61 -2.05
N LYS B 18 3.91 -24.13 -1.60
CA LYS B 18 3.97 -22.87 -0.87
C LYS B 18 3.61 -21.72 -1.79
N LYS B 19 3.13 -20.63 -1.21
CA LYS B 19 2.71 -19.45 -1.97
C LYS B 19 1.36 -19.69 -2.64
N ARG B 20 0.78 -20.85 -2.40
CA ARG B 20 -0.53 -21.21 -2.96
C ARG B 20 -1.68 -21.12 -1.94
N LEU B 21 -2.72 -20.39 -2.33
CA LEU B 21 -3.90 -20.24 -1.49
C LEU B 21 -5.05 -20.66 -2.38
N THR B 22 -5.64 -21.82 -2.08
CA THR B 22 -6.73 -22.38 -2.87
C THR B 22 -8.11 -22.19 -2.26
N ILE B 23 -9.03 -21.66 -3.07
CA ILE B 23 -10.40 -21.41 -2.66
C ILE B 23 -11.29 -22.57 -3.11
N MET B 24 -11.58 -23.53 -2.24
CA MET B 24 -12.42 -24.63 -2.67
C MET B 24 -13.87 -24.18 -2.75
N ASP B 25 -14.15 -23.66 -3.95
CA ASP B 25 -15.42 -23.08 -4.40
C ASP B 25 -16.61 -24.04 -4.39
N LEU B 26 -16.37 -25.31 -4.03
CA LEU B 26 -17.43 -26.32 -4.00
C LEU B 26 -18.84 -25.79 -3.67
N HIS B 27 -19.83 -26.11 -4.51
CA HIS B 27 -21.20 -25.65 -4.27
C HIS B 27 -21.80 -26.40 -3.07
N PRO B 28 -22.76 -25.78 -2.36
CA PRO B 28 -23.42 -26.37 -1.19
C PRO B 28 -23.91 -27.81 -1.36
N GLY B 29 -23.32 -28.73 -0.62
CA GLY B 29 -23.74 -30.13 -0.68
C GLY B 29 -22.72 -31.12 -1.22
N ALA B 30 -21.61 -30.63 -1.75
CA ALA B 30 -20.56 -31.49 -2.30
C ALA B 30 -20.16 -32.62 -1.35
N GLY B 31 -19.54 -32.27 -0.23
CA GLY B 31 -19.11 -33.29 0.72
C GLY B 31 -17.64 -33.16 1.12
N LYS B 32 -17.22 -31.95 1.44
CA LYS B 32 -15.85 -31.69 1.83
C LYS B 32 -15.55 -32.05 3.28
N THR B 33 -16.58 -32.14 4.11
CA THR B 33 -16.39 -32.45 5.53
C THR B 33 -16.44 -33.94 5.85
N LYS B 34 -16.66 -34.76 4.82
CA LYS B 34 -16.73 -36.20 5.04
C LYS B 34 -15.98 -37.02 4.00
N ARG B 35 -15.69 -36.43 2.84
CA ARG B 35 -14.99 -37.17 1.80
C ARG B 35 -13.69 -36.53 1.30
N TYR B 36 -13.74 -35.24 0.96
CA TYR B 36 -12.54 -34.56 0.47
C TYR B 36 -11.48 -34.23 1.53
N LEU B 37 -11.89 -33.77 2.71
CA LEU B 37 -10.95 -33.42 3.78
C LEU B 37 -10.10 -34.61 4.21
N PRO B 38 -10.73 -35.76 4.53
CA PRO B 38 -9.94 -36.91 4.96
C PRO B 38 -8.86 -37.25 3.94
N ALA B 39 -9.20 -37.11 2.66
CA ALA B 39 -8.25 -37.39 1.59
C ALA B 39 -7.08 -36.41 1.67
N ILE B 40 -7.40 -35.13 1.72
CA ILE B 40 -6.37 -34.10 1.80
C ILE B 40 -5.46 -34.33 3.02
N VAL B 41 -6.03 -34.72 4.16
CA VAL B 41 -5.21 -34.94 5.33
C VAL B 41 -4.26 -36.13 5.14
N ARG B 42 -4.73 -37.20 4.51
CA ARG B 42 -3.85 -38.36 4.29
C ARG B 42 -2.67 -37.94 3.43
N GLU B 43 -2.95 -37.21 2.36
CA GLU B 43 -1.91 -36.72 1.45
C GLU B 43 -0.89 -35.86 2.17
N ALA B 44 -1.37 -35.00 3.07
CA ALA B 44 -0.51 -34.11 3.82
C ALA B 44 0.43 -34.93 4.71
N ILE B 45 -0.12 -35.95 5.34
CA ILE B 45 0.67 -36.80 6.21
C ILE B 45 1.68 -37.61 5.39
N LYS B 46 1.26 -38.17 4.26
CA LYS B 46 2.14 -38.93 3.39
C LYS B 46 3.26 -38.01 2.87
N ARG B 47 3.02 -36.70 2.89
CA ARG B 47 3.98 -35.71 2.41
C ARG B 47 4.79 -35.06 3.55
N GLY B 48 4.61 -35.52 4.78
CA GLY B 48 5.34 -34.96 5.90
C GLY B 48 5.13 -33.47 6.17
N LEU B 49 3.98 -32.94 5.80
CA LEU B 49 3.70 -31.54 6.02
C LEU B 49 3.08 -31.26 7.39
N ARG B 50 3.59 -30.27 8.09
CA ARG B 50 3.07 -29.86 9.40
C ARG B 50 1.76 -29.17 9.01
N THR B 51 0.64 -29.75 9.41
CA THR B 51 -0.67 -29.23 9.02
C THR B 51 -1.63 -28.70 10.10
N LEU B 52 -2.37 -27.65 9.77
CA LEU B 52 -3.37 -27.08 10.68
C LEU B 52 -4.78 -27.07 10.02
N ILE B 53 -5.79 -27.49 10.77
CA ILE B 53 -7.19 -27.54 10.30
C ILE B 53 -8.05 -26.67 11.21
N LEU B 54 -8.73 -25.69 10.61
CA LEU B 54 -9.57 -24.77 11.37
C LEU B 54 -11.06 -24.97 11.17
N ALA B 55 -11.77 -25.18 12.28
CA ALA B 55 -13.21 -25.38 12.27
C ALA B 55 -13.93 -24.15 12.83
N PRO B 56 -15.10 -23.84 12.26
CA PRO B 56 -15.84 -22.67 12.72
C PRO B 56 -16.45 -22.80 14.10
N THR B 57 -16.81 -24.03 14.47
CA THR B 57 -17.47 -24.27 15.75
C THR B 57 -17.05 -25.61 16.34
N ARG B 58 -17.30 -25.82 17.63
CA ARG B 58 -16.95 -27.09 18.26
C ARG B 58 -17.83 -28.20 17.67
N VAL B 59 -19.02 -27.83 17.19
CA VAL B 59 -19.91 -28.83 16.60
C VAL B 59 -19.27 -29.37 15.33
N VAL B 60 -18.78 -28.47 14.48
CA VAL B 60 -18.16 -28.90 13.24
C VAL B 60 -16.84 -29.61 13.48
N ALA B 61 -16.10 -29.17 14.49
CA ALA B 61 -14.80 -29.75 14.83
C ALA B 61 -14.99 -31.23 15.17
N ALA B 62 -16.04 -31.53 15.93
CA ALA B 62 -16.35 -32.91 16.32
C ALA B 62 -16.82 -33.69 15.10
N GLU B 63 -17.39 -33.00 14.12
CA GLU B 63 -17.83 -33.69 12.91
C GLU B 63 -16.60 -34.15 12.13
N MET B 64 -15.60 -33.28 12.08
CA MET B 64 -14.36 -33.59 11.37
C MET B 64 -13.61 -34.72 12.08
N GLU B 65 -13.57 -34.66 13.40
CA GLU B 65 -12.88 -35.68 14.18
C GLU B 65 -13.34 -37.09 13.82
N GLU B 66 -14.63 -37.26 13.55
CA GLU B 66 -15.16 -38.58 13.20
C GLU B 66 -14.76 -38.95 11.78
N ALA B 67 -14.86 -37.99 10.88
CA ALA B 67 -14.52 -38.21 9.48
C ALA B 67 -13.02 -38.50 9.34
N LEU B 68 -12.24 -38.02 10.29
CA LEU B 68 -10.79 -38.21 10.28
C LEU B 68 -10.31 -39.34 11.19
N ARG B 69 -11.23 -40.22 11.59
CA ARG B 69 -10.89 -41.34 12.47
C ARG B 69 -9.67 -42.14 11.99
N GLY B 70 -8.91 -42.65 12.96
CA GLY B 70 -7.73 -43.42 12.62
C GLY B 70 -6.49 -42.57 12.40
N LEU B 71 -6.61 -41.56 11.55
CA LEU B 71 -5.50 -40.66 11.25
C LEU B 71 -4.88 -40.03 12.50
N PRO B 72 -3.56 -39.76 12.46
CA PRO B 72 -2.85 -39.15 13.59
C PRO B 72 -3.10 -37.64 13.67
N ILE B 73 -3.99 -37.24 14.58
CA ILE B 73 -4.33 -35.82 14.73
C ILE B 73 -4.52 -35.37 16.18
N ARG B 74 -3.98 -34.21 16.51
CA ARG B 74 -4.10 -33.64 17.86
C ARG B 74 -5.32 -32.72 17.92
N TYR B 75 -6.28 -33.06 18.78
CA TYR B 75 -7.48 -32.23 18.90
C TYR B 75 -7.49 -31.38 20.16
N GLN B 76 -8.54 -30.57 20.29
CA GLN B 76 -8.73 -29.69 21.43
C GLN B 76 -9.77 -30.25 22.40
N THR B 85 -1.30 -37.47 22.09
CA THR B 85 -0.53 -38.67 22.42
C THR B 85 0.89 -38.56 21.86
N GLY B 86 1.17 -39.34 20.81
CA GLY B 86 2.49 -39.29 20.21
C GLY B 86 2.80 -37.93 19.65
N ARG B 87 3.56 -37.90 18.56
CA ARG B 87 3.92 -36.65 17.92
C ARG B 87 3.26 -36.53 16.53
N GLU B 88 1.94 -36.30 16.53
CA GLU B 88 1.19 -36.16 15.30
C GLU B 88 1.62 -34.87 14.61
N ILE B 89 1.59 -34.86 13.28
CA ILE B 89 2.01 -33.68 12.54
C ILE B 89 0.85 -32.79 12.07
N VAL B 90 -0.36 -33.05 12.56
CA VAL B 90 -1.51 -32.25 12.19
C VAL B 90 -2.39 -31.87 13.37
N ASP B 91 -2.58 -30.56 13.57
CA ASP B 91 -3.40 -30.03 14.67
C ASP B 91 -4.79 -29.62 14.16
N LEU B 92 -5.78 -29.62 15.05
CA LEU B 92 -7.13 -29.24 14.67
C LEU B 92 -7.80 -28.49 15.82
N MET B 93 -8.24 -27.27 15.56
CA MET B 93 -8.89 -26.43 16.57
C MET B 93 -9.89 -25.51 15.86
N CYS B 94 -10.55 -24.63 16.62
CA CYS B 94 -11.52 -23.70 16.04
C CYS B 94 -10.87 -22.40 15.58
N HIS B 95 -11.55 -21.70 14.68
CA HIS B 95 -11.10 -20.40 14.17
C HIS B 95 -10.57 -19.51 15.30
N ALA B 96 -11.45 -19.20 16.25
CA ALA B 96 -11.12 -18.31 17.36
C ALA B 96 -10.02 -18.79 18.29
N THR B 97 -9.96 -20.09 18.55
CA THR B 97 -8.92 -20.63 19.41
C THR B 97 -7.56 -20.28 18.78
N PHE B 98 -7.41 -20.60 17.51
CA PHE B 98 -6.18 -20.31 16.80
C PHE B 98 -5.76 -18.84 16.88
N THR B 99 -6.62 -17.92 16.48
CA THR B 99 -6.21 -16.52 16.55
C THR B 99 -5.93 -16.02 17.97
N MET B 100 -6.53 -16.64 18.97
CA MET B 100 -6.25 -16.22 20.34
C MET B 100 -4.81 -16.60 20.66
N ARG B 101 -4.37 -17.73 20.11
CA ARG B 101 -2.99 -18.20 20.30
C ARG B 101 -2.03 -17.30 19.54
N LEU B 102 -2.52 -16.68 18.46
CA LEU B 102 -1.71 -15.78 17.68
C LEU B 102 -1.42 -14.49 18.47
N LEU B 103 -2.36 -14.04 19.29
CA LEU B 103 -2.18 -12.82 20.05
C LEU B 103 -1.32 -12.99 21.31
N SER B 104 -0.97 -14.24 21.64
CA SER B 104 -0.17 -14.50 22.83
C SER B 104 1.33 -14.51 22.55
N PRO B 105 2.16 -14.48 23.60
CA PRO B 105 3.62 -14.48 23.47
C PRO B 105 4.15 -15.81 22.91
N ILE B 106 3.47 -16.90 23.28
CA ILE B 106 3.84 -18.22 22.82
C ILE B 106 3.61 -18.35 21.31
N ARG B 107 4.68 -18.65 20.59
CA ARG B 107 4.61 -18.80 19.14
C ARG B 107 3.82 -20.06 18.78
N VAL B 108 3.37 -20.11 17.54
CA VAL B 108 2.64 -21.28 17.07
C VAL B 108 3.58 -21.97 16.08
N PRO B 109 3.41 -23.27 15.88
CA PRO B 109 4.25 -24.03 14.95
C PRO B 109 4.36 -23.39 13.57
N ASN B 110 5.42 -23.73 12.85
CA ASN B 110 5.65 -23.22 11.51
C ASN B 110 4.90 -24.13 10.55
N TYR B 111 3.57 -24.07 10.58
CA TYR B 111 2.72 -24.88 9.73
C TYR B 111 2.98 -24.69 8.23
N ASN B 112 3.19 -25.81 7.52
CA ASN B 112 3.44 -25.75 6.07
C ASN B 112 2.13 -25.69 5.30
N LEU B 113 1.11 -26.37 5.83
CA LEU B 113 -0.21 -26.39 5.21
C LEU B 113 -1.31 -26.01 6.20
N ILE B 114 -2.10 -24.98 5.88
CA ILE B 114 -3.20 -24.55 6.75
C ILE B 114 -4.58 -24.62 6.04
N ILE B 115 -5.54 -25.27 6.70
CA ILE B 115 -6.88 -25.46 6.14
C ILE B 115 -7.99 -24.80 6.95
N MET B 116 -8.83 -24.00 6.28
CA MET B 116 -9.95 -23.37 6.97
C MET B 116 -11.28 -23.78 6.36
N ASP B 117 -12.08 -24.50 7.12
CA ASP B 117 -13.40 -24.93 6.67
C ASP B 117 -14.43 -23.81 6.98
N GLU B 118 -15.39 -23.59 6.07
CA GLU B 118 -16.42 -22.56 6.22
C GLU B 118 -15.76 -21.18 6.32
N ALA B 119 -14.90 -20.91 5.35
CA ALA B 119 -14.13 -19.67 5.27
C ALA B 119 -14.91 -18.38 5.05
N HIS B 120 -16.25 -18.45 5.07
CA HIS B 120 -17.07 -17.24 4.87
C HIS B 120 -17.42 -16.55 6.19
N PHE B 121 -17.21 -17.24 7.31
CA PHE B 121 -17.51 -16.71 8.65
C PHE B 121 -17.00 -15.28 8.83
N THR B 122 -17.88 -14.34 9.19
CA THR B 122 -17.46 -12.95 9.34
C THR B 122 -17.21 -12.57 10.80
N ASP B 123 -17.00 -13.58 11.63
CA ASP B 123 -16.71 -13.37 13.03
C ASP B 123 -15.32 -12.69 13.02
N PRO B 124 -15.12 -11.67 13.86
CA PRO B 124 -13.82 -10.98 13.89
C PRO B 124 -12.60 -11.92 13.91
N ALA B 125 -12.64 -12.95 14.76
CA ALA B 125 -11.51 -13.86 14.87
C ALA B 125 -11.27 -14.67 13.61
N SER B 126 -12.33 -14.90 12.82
CA SER B 126 -12.19 -15.67 11.58
C SER B 126 -11.59 -14.78 10.51
N ILE B 127 -12.01 -13.52 10.49
CA ILE B 127 -11.48 -12.57 9.51
C ILE B 127 -9.97 -12.43 9.76
N ALA B 128 -9.57 -12.29 11.02
CA ALA B 128 -8.17 -12.14 11.39
C ALA B 128 -7.31 -13.36 11.04
N ALA B 129 -7.84 -14.57 11.26
CA ALA B 129 -7.11 -15.79 10.94
C ALA B 129 -6.92 -15.93 9.44
N ARG B 130 -7.85 -15.37 8.68
CA ARG B 130 -7.77 -15.45 7.24
C ARG B 130 -6.63 -14.52 6.82
N GLY B 131 -6.58 -13.35 7.43
CA GLY B 131 -5.55 -12.38 7.13
C GLY B 131 -4.16 -12.91 7.47
N TYR B 132 -4.05 -13.68 8.54
CA TYR B 132 -2.77 -14.22 8.95
C TYR B 132 -2.36 -15.41 8.08
N ILE B 133 -3.33 -16.22 7.67
CA ILE B 133 -3.03 -17.38 6.85
C ILE B 133 -2.51 -16.89 5.51
N SER B 134 -3.19 -15.89 4.94
CA SER B 134 -2.78 -15.30 3.69
C SER B 134 -1.30 -14.92 3.79
N THR B 135 -1.03 -13.99 4.71
CA THR B 135 0.31 -13.48 4.94
C THR B 135 1.36 -14.58 4.96
N ARG B 136 1.02 -15.73 5.51
CA ARG B 136 1.96 -16.84 5.56
C ARG B 136 2.24 -17.43 4.18
N VAL B 137 1.24 -17.48 3.32
CA VAL B 137 1.46 -18.06 1.99
C VAL B 137 2.23 -17.07 1.12
N GLU B 138 1.87 -15.79 1.22
CA GLU B 138 2.57 -14.76 0.43
C GLU B 138 4.05 -14.80 0.82
N MET B 139 4.31 -14.70 2.12
CA MET B 139 5.68 -14.73 2.62
C MET B 139 6.42 -15.97 2.11
N GLY B 140 5.68 -16.90 1.50
CA GLY B 140 6.27 -18.11 0.99
C GLY B 140 6.58 -19.12 2.09
N GLU B 141 5.81 -19.08 3.17
CA GLU B 141 6.02 -19.99 4.28
C GLU B 141 5.06 -21.18 4.34
N ALA B 142 4.01 -21.13 3.51
CA ALA B 142 3.03 -22.20 3.51
C ALA B 142 1.99 -22.13 2.38
N ALA B 143 1.15 -23.16 2.33
CA ALA B 143 0.07 -23.24 1.34
C ALA B 143 -1.22 -23.15 2.15
N GLY B 144 -2.23 -22.50 1.59
CA GLY B 144 -3.49 -22.37 2.30
C GLY B 144 -4.69 -22.86 1.51
N ILE B 145 -5.70 -23.34 2.23
CA ILE B 145 -6.93 -23.83 1.61
C ILE B 145 -8.15 -23.25 2.36
N PHE B 146 -8.96 -22.47 1.64
CA PHE B 146 -10.18 -21.88 2.21
C PHE B 146 -11.40 -22.60 1.61
N MET B 147 -12.12 -23.37 2.42
CA MET B 147 -13.30 -24.08 1.94
C MET B 147 -14.59 -23.35 2.32
N THR B 148 -15.42 -23.08 1.31
CA THR B 148 -16.70 -22.39 1.48
C THR B 148 -17.45 -22.23 0.15
N ALA B 149 -18.78 -22.39 0.18
CA ALA B 149 -19.59 -22.24 -1.04
C ALA B 149 -19.84 -20.77 -1.38
N THR B 150 -19.56 -19.88 -0.44
CA THR B 150 -19.78 -18.46 -0.66
C THR B 150 -18.56 -17.67 -0.24
N PRO B 151 -17.44 -17.85 -0.95
CA PRO B 151 -16.20 -17.15 -0.62
C PRO B 151 -16.38 -15.63 -0.57
N PRO B 152 -15.68 -14.96 0.37
CA PRO B 152 -15.78 -13.51 0.51
C PRO B 152 -15.93 -12.84 -0.86
N GLY B 153 -16.97 -12.04 -1.02
CA GLY B 153 -17.20 -11.37 -2.29
C GLY B 153 -18.19 -12.12 -3.17
N SER B 154 -18.81 -13.17 -2.63
CA SER B 154 -19.78 -13.97 -3.39
C SER B 154 -21.00 -13.18 -3.83
N ARG B 155 -21.47 -13.50 -5.04
CA ARG B 155 -22.60 -12.81 -5.65
C ARG B 155 -23.98 -13.46 -5.59
N ASP B 156 -24.11 -14.64 -6.21
CA ASP B 156 -25.38 -15.33 -6.30
C ASP B 156 -26.13 -15.75 -5.04
N PRO B 157 -27.40 -15.33 -4.93
CA PRO B 157 -28.29 -15.61 -3.78
C PRO B 157 -28.94 -17.00 -4.01
N PHE B 158 -28.91 -17.44 -5.26
CA PHE B 158 -29.50 -18.72 -5.65
C PHE B 158 -28.47 -19.66 -6.34
N PRO B 159 -27.38 -20.02 -5.64
CA PRO B 159 -26.35 -20.91 -6.21
C PRO B 159 -26.83 -22.32 -6.56
N GLN B 160 -26.03 -23.03 -7.34
CA GLN B 160 -26.35 -24.40 -7.73
C GLN B 160 -26.56 -25.20 -6.46
N SER B 161 -27.18 -26.37 -6.60
CA SER B 161 -27.44 -27.23 -5.46
C SER B 161 -27.55 -28.66 -5.95
N ASN B 162 -27.50 -29.63 -5.04
CA ASN B 162 -27.60 -31.04 -5.43
C ASN B 162 -28.94 -31.36 -6.08
N ALA B 163 -30.02 -31.09 -5.35
CA ALA B 163 -31.35 -31.34 -5.86
C ALA B 163 -31.98 -29.98 -6.14
N PRO B 164 -33.01 -29.92 -7.00
CA PRO B 164 -33.66 -28.65 -7.32
C PRO B 164 -34.40 -28.01 -6.14
N ILE B 165 -34.42 -26.68 -6.13
CA ILE B 165 -35.07 -25.92 -5.08
C ILE B 165 -36.15 -25.04 -5.70
N MET B 166 -37.27 -24.95 -5.01
CA MET B 166 -38.40 -24.15 -5.47
C MET B 166 -38.38 -22.80 -4.74
N ASP B 167 -37.81 -21.79 -5.39
CA ASP B 167 -37.70 -20.44 -4.83
C ASP B 167 -38.95 -19.61 -5.08
N GLU B 168 -39.43 -18.94 -4.04
CA GLU B 168 -40.61 -18.13 -4.18
C GLU B 168 -40.72 -17.07 -3.11
N GLU B 169 -41.03 -15.84 -3.50
CA GLU B 169 -41.17 -14.79 -2.52
C GLU B 169 -42.61 -14.82 -1.99
N ARG B 170 -42.78 -14.51 -0.71
CA ARG B 170 -44.08 -14.47 -0.06
C ARG B 170 -43.98 -13.53 1.13
N GLU B 171 -45.13 -13.06 1.59
CA GLU B 171 -45.18 -12.20 2.76
C GLU B 171 -44.99 -13.15 3.92
N ILE B 172 -43.97 -12.93 4.73
CA ILE B 172 -43.69 -13.79 5.86
C ILE B 172 -44.01 -13.04 7.15
N PRO B 173 -44.75 -13.66 8.07
CA PRO B 173 -45.04 -12.94 9.31
C PRO B 173 -43.77 -12.73 10.14
N GLU B 174 -43.58 -11.51 10.63
CA GLU B 174 -42.42 -11.19 11.45
C GLU B 174 -42.72 -11.34 12.95
N ARG B 175 -44.00 -11.44 13.29
CA ARG B 175 -44.43 -11.62 14.68
C ARG B 175 -45.57 -12.63 14.68
N SER B 176 -46.02 -13.06 15.86
CA SER B 176 -47.11 -14.05 15.92
C SER B 176 -48.37 -13.63 15.17
N TRP B 177 -49.14 -14.62 14.73
CA TRP B 177 -50.37 -14.36 13.97
C TRP B 177 -51.58 -15.15 14.49
N ASN B 178 -52.76 -14.58 14.28
CA ASN B 178 -54.01 -15.19 14.72
C ASN B 178 -54.72 -15.92 13.58
N SER B 179 -54.81 -15.27 12.43
CA SER B 179 -55.48 -15.85 11.28
C SER B 179 -54.57 -15.86 10.06
N GLY B 180 -55.08 -16.43 8.97
CA GLY B 180 -54.31 -16.48 7.73
C GLY B 180 -52.96 -17.14 7.89
N HIS B 181 -52.02 -16.78 7.02
CA HIS B 181 -50.68 -17.34 7.05
C HIS B 181 -50.76 -18.85 7.22
N GLU B 182 -51.78 -19.46 6.61
CA GLU B 182 -51.99 -20.91 6.71
C GLU B 182 -50.95 -21.78 5.99
N TRP B 183 -50.27 -21.22 4.99
CA TRP B 183 -49.25 -21.98 4.25
C TRP B 183 -48.12 -22.38 5.20
N VAL B 184 -48.01 -21.67 6.31
CA VAL B 184 -46.99 -21.90 7.32
C VAL B 184 -47.23 -23.18 8.11
N THR B 185 -48.36 -23.22 8.81
CA THR B 185 -48.70 -24.35 9.66
C THR B 185 -49.34 -25.58 9.01
N ASP B 186 -49.72 -25.48 7.74
CA ASP B 186 -50.34 -26.61 7.05
C ASP B 186 -49.36 -27.45 6.23
N PHE B 187 -48.09 -27.06 6.26
CA PHE B 187 -47.03 -27.76 5.53
C PHE B 187 -46.70 -29.05 6.26
N LYS B 188 -46.59 -30.15 5.53
CA LYS B 188 -46.33 -31.47 6.12
C LYS B 188 -44.90 -31.80 6.54
N GLY B 189 -43.91 -31.18 5.92
CA GLY B 189 -42.53 -31.49 6.25
C GLY B 189 -41.87 -30.64 7.33
N LYS B 190 -40.55 -30.71 7.39
CA LYS B 190 -39.78 -29.96 8.37
C LYS B 190 -39.25 -28.65 7.80
N THR B 191 -39.30 -27.61 8.63
CA THR B 191 -38.86 -26.29 8.22
C THR B 191 -37.80 -25.66 9.11
N VAL B 192 -36.88 -24.92 8.49
CA VAL B 192 -35.84 -24.19 9.21
C VAL B 192 -36.23 -22.73 8.96
N TRP B 193 -36.52 -22.01 10.03
CA TRP B 193 -36.94 -20.60 9.94
C TRP B 193 -35.84 -19.67 10.48
N PHE B 194 -35.24 -18.88 9.60
CA PHE B 194 -34.19 -17.97 10.00
C PHE B 194 -34.74 -16.63 10.48
N VAL B 195 -34.48 -16.33 11.74
CA VAL B 195 -34.98 -15.12 12.37
C VAL B 195 -33.87 -14.12 12.68
N PRO B 196 -34.20 -12.82 12.73
CA PRO B 196 -33.16 -11.82 13.01
C PRO B 196 -32.72 -11.65 14.45
N SER B 197 -33.47 -12.20 15.40
CA SER B 197 -33.14 -12.06 16.80
C SER B 197 -33.74 -13.13 17.70
N ILE B 198 -33.21 -13.22 18.91
CA ILE B 198 -33.68 -14.17 19.88
C ILE B 198 -35.09 -13.76 20.32
N LYS B 199 -35.34 -12.45 20.38
CA LYS B 199 -36.65 -11.95 20.78
C LYS B 199 -37.70 -12.26 19.69
N ALA B 200 -37.33 -12.12 18.43
CA ALA B 200 -38.24 -12.42 17.35
C ALA B 200 -38.43 -13.95 17.31
N GLY B 201 -37.36 -14.68 17.59
CA GLY B 201 -37.45 -16.12 17.57
C GLY B 201 -38.41 -16.62 18.61
N ASN B 202 -38.34 -16.05 19.81
CA ASN B 202 -39.23 -16.46 20.90
C ASN B 202 -40.70 -16.23 20.57
N ASP B 203 -40.97 -15.06 20.00
CA ASP B 203 -42.32 -14.70 19.62
C ASP B 203 -42.89 -15.69 18.61
N ILE B 204 -42.22 -15.84 17.48
CA ILE B 204 -42.64 -16.77 16.44
C ILE B 204 -42.66 -18.22 16.93
N ALA B 205 -41.75 -18.56 17.84
CA ALA B 205 -41.71 -19.90 18.38
C ALA B 205 -42.99 -20.20 19.16
N ALA B 206 -43.32 -19.30 20.09
CA ALA B 206 -44.52 -19.44 20.92
C ALA B 206 -45.77 -19.56 20.05
N CYS B 207 -45.84 -18.80 18.98
CA CYS B 207 -46.99 -18.82 18.09
C CYS B 207 -47.14 -20.17 17.40
N LEU B 208 -46.01 -20.77 17.04
CA LEU B 208 -46.02 -22.06 16.36
C LEU B 208 -46.38 -23.17 17.33
N ARG B 209 -46.02 -23.01 18.60
CA ARG B 209 -46.33 -24.01 19.59
C ARG B 209 -47.82 -24.03 19.89
N LYS B 210 -48.38 -22.83 20.05
CA LYS B 210 -49.82 -22.71 20.34
C LYS B 210 -50.59 -23.31 19.17
N ASN B 211 -49.94 -23.40 18.02
CA ASN B 211 -50.54 -23.96 16.83
C ASN B 211 -50.29 -25.46 16.79
N GLY B 212 -49.81 -25.99 17.92
CA GLY B 212 -49.52 -27.41 18.03
C GLY B 212 -48.27 -27.92 17.33
N LYS B 213 -47.26 -27.08 17.17
CA LYS B 213 -46.02 -27.49 16.50
C LYS B 213 -44.88 -27.64 17.51
N LYS B 214 -44.02 -28.64 17.29
CA LYS B 214 -42.86 -28.86 18.16
C LYS B 214 -41.74 -27.98 17.59
N VAL B 215 -41.16 -27.12 18.42
CA VAL B 215 -40.12 -26.22 17.94
C VAL B 215 -38.80 -26.21 18.72
N ILE B 216 -37.70 -26.14 18.00
CA ILE B 216 -36.36 -26.09 18.60
C ILE B 216 -35.68 -24.78 18.22
N GLN B 217 -35.26 -24.00 19.21
CA GLN B 217 -34.60 -22.73 18.97
C GLN B 217 -33.10 -22.79 19.11
N LEU B 218 -32.41 -22.08 18.21
CA LEU B 218 -30.95 -22.03 18.19
C LEU B 218 -30.46 -20.58 18.08
N SER B 219 -29.36 -20.28 18.77
CA SER B 219 -28.75 -18.96 18.71
C SER B 219 -27.27 -19.17 19.01
N ARG B 220 -26.45 -18.16 18.74
CA ARG B 220 -25.01 -18.25 18.99
C ARG B 220 -24.61 -18.90 20.33
N LYS B 221 -25.11 -18.35 21.42
CA LYS B 221 -24.78 -18.87 22.75
C LYS B 221 -25.41 -20.19 23.16
N THR B 222 -26.39 -20.65 22.38
CA THR B 222 -27.04 -21.90 22.75
C THR B 222 -26.79 -23.04 21.77
N PHE B 223 -26.23 -22.71 20.61
CA PHE B 223 -25.95 -23.67 19.55
C PHE B 223 -25.20 -24.95 19.87
N ASP B 224 -24.14 -24.85 20.67
CA ASP B 224 -23.30 -26.00 21.00
C ASP B 224 -23.94 -27.10 21.84
N SER B 225 -24.89 -26.74 22.69
CA SER B 225 -25.55 -27.74 23.52
C SER B 225 -26.97 -28.07 23.08
N GLU B 226 -27.51 -27.30 22.14
CA GLU B 226 -28.87 -27.53 21.65
C GLU B 226 -28.92 -28.17 20.27
N TYR B 227 -27.94 -27.84 19.44
CA TYR B 227 -27.88 -28.37 18.08
C TYR B 227 -28.12 -29.87 18.03
N ILE B 228 -27.59 -30.60 19.00
CA ILE B 228 -27.74 -32.04 19.00
C ILE B 228 -29.22 -32.46 19.03
N LYS B 229 -30.06 -31.71 19.74
CA LYS B 229 -31.48 -32.03 19.81
C LYS B 229 -32.10 -32.05 18.42
N THR B 230 -31.58 -31.24 17.49
CA THR B 230 -32.13 -31.21 16.13
C THR B 230 -31.81 -32.51 15.40
N ARG B 231 -30.92 -33.32 15.98
CA ARG B 231 -30.59 -34.60 15.36
C ARG B 231 -31.28 -35.77 16.06
N THR B 232 -31.64 -35.61 17.34
CA THR B 232 -32.28 -36.68 18.08
C THR B 232 -33.80 -36.56 18.25
N ASN B 233 -34.30 -35.34 18.42
CA ASN B 233 -35.75 -35.09 18.56
C ASN B 233 -36.38 -34.94 17.17
N ASP B 234 -37.60 -35.42 16.99
CA ASP B 234 -38.25 -35.23 15.70
C ASP B 234 -39.10 -33.98 15.81
N TRP B 235 -38.55 -32.88 15.31
CA TRP B 235 -39.19 -31.58 15.36
C TRP B 235 -39.94 -31.25 14.10
N ASP B 236 -40.71 -30.16 14.17
CA ASP B 236 -41.46 -29.65 13.04
C ASP B 236 -40.73 -28.42 12.47
N PHE B 237 -40.31 -27.51 13.36
CA PHE B 237 -39.59 -26.29 12.99
C PHE B 237 -38.31 -26.09 13.81
N VAL B 238 -37.31 -25.52 13.16
CA VAL B 238 -36.08 -25.14 13.83
C VAL B 238 -36.15 -23.62 13.58
N VAL B 239 -36.10 -22.82 14.63
CA VAL B 239 -36.13 -21.36 14.51
C VAL B 239 -34.73 -20.89 14.96
N THR B 240 -33.94 -20.35 14.03
CA THR B 240 -32.55 -19.97 14.30
C THR B 240 -32.11 -18.57 13.91
N THR B 241 -31.09 -18.11 14.61
CA THR B 241 -30.47 -16.84 14.27
C THR B 241 -29.47 -17.27 13.18
N ASP B 242 -28.55 -16.39 12.80
CA ASP B 242 -27.64 -16.75 11.73
C ASP B 242 -26.51 -17.75 11.97
N ILE B 243 -26.27 -18.18 13.21
CA ILE B 243 -25.18 -19.13 13.40
C ILE B 243 -25.32 -20.39 12.54
N SER B 244 -26.56 -20.77 12.20
CA SER B 244 -26.78 -21.97 11.40
C SER B 244 -26.28 -21.80 9.97
N GLU B 245 -25.74 -20.63 9.66
CA GLU B 245 -25.20 -20.38 8.33
C GLU B 245 -23.79 -20.99 8.21
N MET B 246 -23.23 -21.42 9.34
CA MET B 246 -21.89 -22.00 9.37
C MET B 246 -21.83 -23.51 9.70
N GLY B 247 -21.75 -24.34 8.66
CA GLY B 247 -21.65 -25.77 8.87
C GLY B 247 -22.84 -26.55 9.42
N ALA B 248 -23.90 -25.87 9.86
CA ALA B 248 -25.07 -26.58 10.39
C ALA B 248 -25.94 -27.23 9.30
N ASN B 249 -26.22 -28.51 9.47
CA ASN B 249 -27.08 -29.16 8.50
C ASN B 249 -28.26 -29.77 9.25
N PHE B 250 -29.41 -29.82 8.60
CA PHE B 250 -30.62 -30.40 9.18
C PHE B 250 -31.26 -31.33 8.14
N LYS B 251 -32.26 -32.09 8.57
CA LYS B 251 -32.97 -32.95 7.64
C LYS B 251 -34.26 -32.15 7.48
N ALA B 252 -34.34 -31.32 6.45
CA ALA B 252 -35.54 -30.49 6.29
C ALA B 252 -35.96 -30.33 4.84
N GLU B 253 -37.24 -30.03 4.66
CA GLU B 253 -37.84 -29.84 3.34
C GLU B 253 -38.02 -28.37 2.94
N ARG B 254 -38.07 -27.48 3.92
CA ARG B 254 -38.28 -26.09 3.58
C ARG B 254 -37.66 -25.03 4.48
N VAL B 255 -37.10 -23.99 3.86
CA VAL B 255 -36.50 -22.91 4.61
C VAL B 255 -37.36 -21.67 4.45
N ILE B 256 -37.72 -21.04 5.57
CA ILE B 256 -38.47 -19.80 5.57
C ILE B 256 -37.45 -18.74 5.97
N ASP B 257 -37.12 -17.83 5.04
CA ASP B 257 -36.10 -16.81 5.28
C ASP B 257 -36.49 -15.36 5.02
N PRO B 258 -36.96 -14.64 6.06
CA PRO B 258 -37.33 -13.24 5.82
C PRO B 258 -36.09 -12.37 5.57
N ARG B 259 -34.99 -13.01 5.19
CA ARG B 259 -33.75 -12.31 4.90
C ARG B 259 -33.44 -11.09 5.78
N ARG B 260 -33.58 -11.25 7.10
CA ARG B 260 -33.32 -10.18 8.05
C ARG B 260 -32.28 -10.58 9.10
N CYS B 261 -31.50 -9.62 9.60
CA CYS B 261 -30.47 -9.87 10.62
C CYS B 261 -30.23 -8.61 11.43
N MET B 262 -29.50 -8.75 12.53
CA MET B 262 -29.14 -7.61 13.35
C MET B 262 -27.65 -7.45 13.06
N LYS B 263 -27.13 -6.25 13.24
CA LYS B 263 -25.72 -6.03 12.95
C LYS B 263 -25.12 -5.05 13.96
N PRO B 264 -23.99 -5.42 14.58
CA PRO B 264 -23.37 -4.49 15.54
C PRO B 264 -22.81 -3.31 14.76
N VAL B 265 -23.05 -2.12 15.26
CA VAL B 265 -22.60 -0.89 14.60
C VAL B 265 -21.93 0.02 15.61
N ILE B 266 -20.81 0.62 15.21
CA ILE B 266 -20.09 1.53 16.10
C ILE B 266 -20.57 2.97 15.86
N LEU B 267 -21.35 3.48 16.80
CA LEU B 267 -21.89 4.84 16.73
C LEU B 267 -20.88 5.86 17.25
N THR B 268 -20.13 6.46 16.33
CA THR B 268 -19.10 7.45 16.68
C THR B 268 -19.61 8.73 17.36
N ASP B 269 -20.73 9.26 16.89
CA ASP B 269 -21.26 10.49 17.48
C ASP B 269 -21.45 10.39 18.98
N GLY B 270 -20.91 11.37 19.69
CA GLY B 270 -20.97 11.38 21.15
C GLY B 270 -19.87 10.45 21.60
N GLU B 271 -19.95 9.90 22.80
CA GLU B 271 -18.92 8.96 23.20
C GLU B 271 -19.17 7.71 22.35
N GLU B 272 -18.08 7.09 21.89
CA GLU B 272 -18.16 5.90 21.05
C GLU B 272 -18.82 4.74 21.78
N ARG B 273 -19.72 4.04 21.09
CA ARG B 273 -20.41 2.90 21.68
C ARG B 273 -20.92 1.98 20.57
N VAL B 274 -21.16 0.72 20.90
CA VAL B 274 -21.64 -0.23 19.91
C VAL B 274 -23.14 -0.43 20.09
N ILE B 275 -23.86 -0.44 18.99
CA ILE B 275 -25.30 -0.60 19.02
C ILE B 275 -25.65 -1.75 18.09
N LEU B 276 -26.78 -2.39 18.34
CA LEU B 276 -27.24 -3.48 17.49
C LEU B 276 -28.27 -2.89 16.53
N ALA B 277 -27.82 -2.49 15.35
CA ALA B 277 -28.70 -1.89 14.35
C ALA B 277 -29.93 -2.75 14.03
N GLY B 278 -31.10 -2.20 14.34
CA GLY B 278 -32.38 -2.87 14.10
C GLY B 278 -32.41 -3.72 12.84
N PRO B 279 -33.30 -4.73 12.78
CA PRO B 279 -33.46 -5.66 11.65
C PRO B 279 -33.18 -5.05 10.28
N MET B 280 -32.23 -5.63 9.57
CA MET B 280 -31.86 -5.15 8.24
C MET B 280 -31.57 -6.33 7.33
N PRO B 281 -31.69 -6.14 6.00
CA PRO B 281 -31.43 -7.24 5.08
C PRO B 281 -30.05 -7.88 5.24
N VAL B 282 -30.00 -9.19 5.02
CA VAL B 282 -28.78 -9.95 5.12
C VAL B 282 -27.99 -9.70 3.84
N THR B 283 -26.83 -10.32 3.74
CA THR B 283 -25.94 -10.20 2.59
C THR B 283 -26.39 -11.24 1.57
N HIS B 284 -25.94 -11.12 0.32
CA HIS B 284 -26.31 -12.09 -0.69
C HIS B 284 -25.77 -13.46 -0.35
N SER B 285 -24.52 -13.48 0.10
CA SER B 285 -23.86 -14.71 0.50
C SER B 285 -24.59 -15.37 1.68
N SER B 286 -25.08 -14.54 2.60
CA SER B 286 -25.82 -15.05 3.74
C SER B 286 -27.16 -15.63 3.27
N ALA B 287 -27.77 -15.01 2.27
CA ALA B 287 -29.05 -15.51 1.75
C ALA B 287 -28.78 -16.87 1.10
N ALA B 288 -27.66 -16.96 0.39
CA ALA B 288 -27.26 -18.20 -0.27
C ALA B 288 -27.01 -19.34 0.73
N GLN B 289 -26.42 -19.01 1.88
CA GLN B 289 -26.13 -20.02 2.90
C GLN B 289 -27.41 -20.47 3.62
N ARG B 290 -28.32 -19.53 3.82
CA ARG B 290 -29.59 -19.86 4.46
C ARG B 290 -30.34 -20.84 3.54
N ARG B 291 -30.52 -20.43 2.28
CA ARG B 291 -31.18 -21.27 1.29
C ARG B 291 -30.47 -22.60 1.12
N GLY B 292 -29.15 -22.59 1.31
CA GLY B 292 -28.35 -23.79 1.16
C GLY B 292 -28.61 -24.89 2.20
N ARG B 293 -29.37 -24.58 3.24
CA ARG B 293 -29.66 -25.59 4.24
C ARG B 293 -30.49 -26.73 3.64
N VAL B 294 -31.19 -26.46 2.54
CA VAL B 294 -31.99 -27.49 1.86
C VAL B 294 -31.54 -27.74 0.43
N GLY B 295 -32.33 -28.50 -0.32
CA GLY B 295 -31.99 -28.82 -1.69
C GLY B 295 -30.64 -29.49 -1.79
N ARG B 296 -30.40 -30.46 -0.90
CA ARG B 296 -29.14 -31.19 -0.84
C ARG B 296 -29.23 -32.70 -1.12
N ASN B 297 -30.41 -33.29 -0.91
CA ASN B 297 -30.60 -34.72 -1.15
C ASN B 297 -31.18 -34.91 -2.57
N PRO B 298 -30.41 -35.54 -3.47
CA PRO B 298 -30.86 -35.78 -4.84
C PRO B 298 -32.11 -36.65 -4.92
N LYS B 299 -32.40 -37.35 -3.83
CA LYS B 299 -33.58 -38.21 -3.79
C LYS B 299 -34.84 -37.35 -3.69
N ASN B 300 -34.81 -36.36 -2.80
CA ASN B 300 -35.94 -35.47 -2.61
C ASN B 300 -35.82 -34.29 -3.59
N GLU B 301 -36.89 -33.99 -4.33
CA GLU B 301 -36.82 -32.90 -5.29
C GLU B 301 -37.90 -31.84 -5.09
N ASN B 302 -38.50 -31.83 -3.90
CA ASN B 302 -39.54 -30.85 -3.59
C ASN B 302 -39.11 -29.83 -2.55
N ASP B 303 -37.82 -29.70 -2.27
CA ASP B 303 -37.38 -28.72 -1.27
C ASP B 303 -37.71 -27.30 -1.72
N GLN B 304 -38.10 -26.46 -0.77
CA GLN B 304 -38.42 -25.10 -1.10
C GLN B 304 -37.81 -24.05 -0.20
N TYR B 305 -37.56 -22.91 -0.80
CA TYR B 305 -36.97 -21.78 -0.13
C TYR B 305 -37.95 -20.62 -0.28
N ILE B 306 -38.71 -20.34 0.78
CA ILE B 306 -39.67 -19.24 0.74
C ILE B 306 -38.99 -18.06 1.40
N TYR B 307 -38.92 -16.94 0.66
CA TYR B 307 -38.27 -15.74 1.16
C TYR B 307 -39.09 -14.45 1.06
N MET B 308 -38.55 -13.38 1.65
CA MET B 308 -39.18 -12.07 1.60
C MET B 308 -38.09 -10.99 1.61
N GLY B 309 -38.25 -9.99 0.76
CA GLY B 309 -37.27 -8.92 0.70
C GLY B 309 -36.08 -9.29 -0.16
N GLU B 310 -35.20 -8.33 -0.38
CA GLU B 310 -34.02 -8.54 -1.20
C GLU B 310 -32.78 -8.26 -0.35
N PRO B 311 -31.64 -8.88 -0.67
CA PRO B 311 -30.38 -8.70 0.08
C PRO B 311 -29.64 -7.37 -0.22
N LEU B 312 -28.56 -7.12 0.52
CA LEU B 312 -27.76 -5.90 0.34
C LEU B 312 -26.28 -6.07 0.61
N GLU B 313 -25.46 -5.39 -0.18
CA GLU B 313 -24.02 -5.41 0.00
C GLU B 313 -23.66 -4.12 0.71
N ASN B 314 -23.93 -4.03 2.01
CA ASN B 314 -23.63 -2.81 2.72
C ASN B 314 -23.03 -3.08 4.11
N ASP B 315 -22.48 -4.27 4.29
CA ASP B 315 -21.88 -4.63 5.57
C ASP B 315 -20.68 -3.75 5.90
N GLU B 316 -20.45 -2.73 5.08
CA GLU B 316 -19.34 -1.81 5.24
C GLU B 316 -19.14 -1.25 6.66
N ASP B 317 -20.22 -0.79 7.28
CA ASP B 317 -20.08 -0.22 8.61
C ASP B 317 -20.37 -1.21 9.73
N CYS B 318 -20.31 -2.50 9.41
CA CYS B 318 -20.51 -3.52 10.43
C CYS B 318 -19.26 -3.45 11.29
N ALA B 319 -19.45 -3.43 12.62
CA ALA B 319 -18.35 -3.34 13.57
C ALA B 319 -17.29 -4.45 13.46
N HIS B 320 -17.63 -5.56 12.82
CA HIS B 320 -16.71 -6.69 12.71
C HIS B 320 -15.41 -6.43 11.95
N TRP B 321 -15.48 -5.58 10.93
CA TRP B 321 -14.29 -5.28 10.13
C TRP B 321 -13.22 -4.59 10.97
N LYS B 322 -13.62 -3.57 11.73
CA LYS B 322 -12.69 -2.88 12.60
C LYS B 322 -12.19 -3.78 13.72
N GLU B 323 -13.08 -4.60 14.28
CA GLU B 323 -12.67 -5.48 15.36
C GLU B 323 -11.63 -6.47 14.82
N ALA B 324 -11.82 -6.94 13.59
CA ALA B 324 -10.86 -7.84 12.98
C ALA B 324 -9.47 -7.18 12.95
N LYS B 325 -9.42 -5.92 12.54
CA LYS B 325 -8.18 -5.16 12.49
C LYS B 325 -7.57 -5.00 13.90
N MET B 326 -8.41 -4.73 14.91
CA MET B 326 -7.91 -4.64 16.27
C MET B 326 -7.17 -5.93 16.67
N LEU B 327 -7.62 -7.07 16.17
CA LEU B 327 -6.94 -8.33 16.47
C LEU B 327 -5.66 -8.45 15.63
N LEU B 328 -5.77 -8.20 14.32
CA LEU B 328 -4.61 -8.29 13.43
C LEU B 328 -3.39 -7.47 13.81
N ASP B 329 -3.62 -6.26 14.31
CA ASP B 329 -2.51 -5.38 14.69
C ASP B 329 -1.76 -5.88 15.90
N ASN B 330 -2.36 -6.83 16.61
CA ASN B 330 -1.73 -7.37 17.80
C ASN B 330 -1.18 -8.76 17.58
N ILE B 331 -1.02 -9.15 16.32
CA ILE B 331 -0.47 -10.45 15.99
C ILE B 331 0.89 -10.27 15.32
N ASN B 332 1.84 -11.12 15.70
CA ASN B 332 3.20 -11.07 15.16
C ASN B 332 3.64 -12.39 14.55
N THR B 333 4.28 -12.30 13.39
CA THR B 333 4.78 -13.50 12.73
C THR B 333 6.21 -13.67 13.24
N PRO B 334 6.76 -14.89 13.16
CA PRO B 334 8.14 -15.10 13.63
C PRO B 334 9.09 -14.18 12.88
N GLU B 335 8.64 -13.70 11.72
CA GLU B 335 9.43 -12.82 10.88
C GLU B 335 9.48 -11.40 11.45
N GLY B 336 8.50 -11.06 12.28
CA GLY B 336 8.46 -9.75 12.90
C GLY B 336 7.60 -8.72 12.19
N ILE B 337 6.84 -9.15 11.19
CA ILE B 337 5.96 -8.24 10.43
C ILE B 337 4.49 -8.39 10.82
N ILE B 338 3.71 -7.33 10.57
CA ILE B 338 2.29 -7.32 10.86
C ILE B 338 1.47 -7.79 9.66
N PRO B 339 0.63 -8.82 9.86
CA PRO B 339 -0.22 -9.42 8.85
C PRO B 339 -1.28 -8.46 8.30
N SER B 340 -1.67 -8.68 7.06
CA SER B 340 -2.69 -7.86 6.41
C SER B 340 -3.90 -8.74 6.12
N MET B 341 -5.08 -8.13 6.06
CA MET B 341 -6.29 -8.88 5.79
C MET B 341 -6.25 -9.66 4.49
N PHE B 342 -7.17 -10.62 4.37
CA PHE B 342 -7.28 -11.44 3.17
C PHE B 342 -7.73 -10.45 2.09
N GLU B 343 -7.01 -10.42 0.97
CA GLU B 343 -7.27 -9.50 -0.15
C GLU B 343 -8.71 -9.03 -0.37
N PRO B 344 -9.64 -9.93 -0.72
CA PRO B 344 -11.03 -9.51 -0.94
C PRO B 344 -11.69 -8.78 0.24
N GLU B 345 -11.10 -8.89 1.43
CA GLU B 345 -11.68 -8.27 2.62
C GLU B 345 -10.99 -6.99 3.07
N ARG B 346 -9.96 -6.57 2.34
CA ARG B 346 -9.25 -5.34 2.67
C ARG B 346 -10.11 -4.10 2.45
N GLU B 347 -10.86 -4.08 1.36
CA GLU B 347 -11.70 -2.94 1.03
C GLU B 347 -12.70 -2.57 2.12
N LYS B 348 -12.85 -3.44 3.11
CA LYS B 348 -13.80 -3.19 4.19
C LYS B 348 -13.29 -2.21 5.24
N VAL B 349 -11.98 -2.04 5.36
CA VAL B 349 -11.44 -1.12 6.37
C VAL B 349 -10.41 -0.12 5.80
N ASP B 350 -10.15 0.95 6.55
CA ASP B 350 -9.21 1.98 6.14
C ASP B 350 -7.76 1.46 6.16
N ALA B 351 -6.81 2.34 5.82
CA ALA B 351 -5.40 1.95 5.75
C ALA B 351 -4.47 2.55 6.80
N ILE B 352 -4.75 2.34 8.08
CA ILE B 352 -3.89 2.84 9.15
C ILE B 352 -3.39 1.63 9.94
N ASP B 353 -2.64 0.77 9.25
CA ASP B 353 -2.10 -0.45 9.85
C ASP B 353 -1.12 -0.20 10.99
N GLY B 354 -1.47 -0.73 12.17
CA GLY B 354 -0.64 -0.57 13.34
C GLY B 354 -1.33 0.32 14.35
N GLU B 355 -2.46 0.88 13.92
CA GLU B 355 -3.26 1.78 14.74
C GLU B 355 -3.81 1.18 16.05
N TYR B 356 -3.98 -0.14 16.12
CA TYR B 356 -4.54 -0.74 17.33
C TYR B 356 -3.57 -1.56 18.17
N ARG B 357 -2.28 -1.48 17.86
CA ARG B 357 -1.31 -2.25 18.62
C ARG B 357 -1.15 -1.78 20.06
N LEU B 358 -1.05 -2.74 20.96
CA LEU B 358 -0.89 -2.47 22.38
C LEU B 358 0.44 -3.13 22.76
N ARG B 359 1.00 -2.76 23.90
CA ARG B 359 2.24 -3.39 24.32
C ARG B 359 1.93 -4.69 25.04
N GLY B 360 2.93 -5.55 25.17
CA GLY B 360 2.79 -6.84 25.80
C GLY B 360 1.75 -7.00 26.90
N GLU B 361 1.84 -6.17 27.94
CA GLU B 361 0.93 -6.23 29.07
C GLU B 361 -0.54 -5.93 28.73
N ALA B 362 -0.79 -4.76 28.15
CA ALA B 362 -2.14 -4.39 27.78
C ALA B 362 -2.69 -5.49 26.88
N ARG B 363 -1.84 -5.97 25.97
CA ARG B 363 -2.20 -7.02 25.03
C ARG B 363 -2.70 -8.27 25.71
N LYS B 364 -1.97 -8.72 26.74
CA LYS B 364 -2.37 -9.91 27.48
C LYS B 364 -3.74 -9.73 28.13
N THR B 365 -4.00 -8.52 28.62
CA THR B 365 -5.27 -8.22 29.25
C THR B 365 -6.36 -8.30 28.17
N PHE B 366 -6.03 -7.77 26.99
CA PHE B 366 -6.92 -7.77 25.85
C PHE B 366 -7.35 -9.22 25.63
N VAL B 367 -6.38 -10.10 25.46
CA VAL B 367 -6.64 -11.52 25.24
C VAL B 367 -7.47 -12.13 26.38
N ASP B 368 -7.07 -11.90 27.62
CA ASP B 368 -7.80 -12.42 28.77
C ASP B 368 -9.24 -11.94 28.78
N LEU B 369 -9.44 -10.64 28.53
CA LEU B 369 -10.77 -10.04 28.52
C LEU B 369 -11.73 -10.74 27.55
N MET B 370 -11.17 -11.26 26.45
CA MET B 370 -11.96 -11.98 25.45
C MET B 370 -12.10 -13.46 25.82
N ARG B 371 -11.00 -14.16 26.05
CA ARG B 371 -11.08 -15.59 26.37
C ARG B 371 -11.62 -15.96 27.75
N ARG B 372 -11.33 -15.15 28.75
CA ARG B 372 -11.81 -15.44 30.10
C ARG B 372 -13.05 -14.60 30.46
N GLY B 373 -13.05 -13.34 30.04
CA GLY B 373 -14.18 -12.48 30.35
C GLY B 373 -15.38 -12.60 29.44
N ASP B 374 -15.19 -13.17 28.24
CA ASP B 374 -16.25 -13.32 27.26
C ASP B 374 -16.79 -11.99 26.71
N LEU B 375 -15.95 -10.95 26.74
CA LEU B 375 -16.36 -9.65 26.23
C LEU B 375 -16.06 -9.53 24.74
N PRO B 376 -16.93 -8.86 23.98
CA PRO B 376 -16.73 -8.65 22.54
C PRO B 376 -15.36 -7.99 22.34
N VAL B 377 -14.83 -8.10 21.13
CA VAL B 377 -13.54 -7.50 20.82
C VAL B 377 -13.45 -5.99 21.13
N TRP B 378 -14.40 -5.21 20.62
CA TRP B 378 -14.40 -3.76 20.84
C TRP B 378 -14.33 -3.39 22.32
N LEU B 379 -15.20 -4.01 23.13
CA LEU B 379 -15.24 -3.73 24.54
C LEU B 379 -13.94 -4.13 25.23
N ALA B 380 -13.41 -5.31 24.89
CA ALA B 380 -12.16 -5.77 25.50
C ALA B 380 -11.01 -4.83 25.13
N TYR B 381 -11.02 -4.35 23.90
CA TYR B 381 -9.97 -3.45 23.46
C TYR B 381 -10.05 -2.14 24.25
N ARG B 382 -11.23 -1.54 24.26
CA ARG B 382 -11.44 -0.28 24.97
C ARG B 382 -10.98 -0.33 26.43
N VAL B 383 -11.24 -1.43 27.11
CA VAL B 383 -10.83 -1.57 28.51
C VAL B 383 -9.33 -1.76 28.62
N ALA B 384 -8.79 -2.66 27.79
CA ALA B 384 -7.36 -2.96 27.79
C ALA B 384 -6.48 -1.78 27.38
N ALA B 385 -6.90 -1.05 26.35
CA ALA B 385 -6.13 0.10 25.87
C ALA B 385 -6.21 1.27 26.83
N GLU B 386 -6.83 1.04 27.98
CA GLU B 386 -7.00 2.06 28.99
C GLU B 386 -6.08 1.72 30.15
N GLY B 387 -5.22 0.72 29.96
CA GLY B 387 -4.30 0.33 31.00
C GLY B 387 -4.92 -0.48 32.11
N ILE B 388 -6.25 -0.41 32.22
CA ILE B 388 -6.98 -1.14 33.25
C ILE B 388 -6.58 -2.62 33.29
N ASN B 389 -6.58 -3.18 34.50
CA ASN B 389 -6.20 -4.55 34.74
C ASN B 389 -7.40 -5.51 34.75
N TYR B 390 -7.18 -6.71 34.22
CA TYR B 390 -8.22 -7.72 34.10
C TYR B 390 -9.20 -7.83 35.28
N ALA B 391 -8.65 -7.88 36.49
CA ALA B 391 -9.46 -8.02 37.70
C ALA B 391 -10.07 -6.72 38.25
N ASP B 392 -9.63 -5.58 37.73
CA ASP B 392 -10.18 -4.29 38.16
C ASP B 392 -11.55 -4.11 37.48
N ARG B 393 -12.63 -4.40 38.21
CA ARG B 393 -13.97 -4.29 37.65
C ARG B 393 -14.64 -2.93 37.86
N ARG B 394 -13.87 -1.93 38.27
CA ARG B 394 -14.46 -0.61 38.51
C ARG B 394 -15.14 0.07 37.32
N TRP B 395 -14.61 -0.16 36.11
CA TRP B 395 -15.18 0.45 34.92
C TRP B 395 -16.61 -0.03 34.63
N CYS B 396 -17.03 -1.12 35.25
CA CYS B 396 -18.38 -1.64 35.02
C CYS B 396 -19.46 -0.82 35.73
N PHE B 397 -19.07 0.07 36.63
CA PHE B 397 -20.05 0.86 37.37
C PHE B 397 -19.87 2.39 37.35
N ASP B 398 -18.84 2.88 36.65
CA ASP B 398 -18.56 4.31 36.63
C ASP B 398 -18.82 5.03 35.30
N GLY B 399 -19.81 4.60 34.54
CA GLY B 399 -20.09 5.27 33.29
C GLY B 399 -21.06 6.42 33.50
N VAL B 400 -21.43 7.08 32.41
CA VAL B 400 -22.36 8.19 32.48
C VAL B 400 -23.76 7.66 32.82
N LYS B 401 -24.64 8.57 33.26
CA LYS B 401 -26.01 8.23 33.64
C LYS B 401 -26.68 7.49 32.50
N ASN B 402 -26.30 7.83 31.27
CA ASN B 402 -26.86 7.20 30.08
C ASN B 402 -26.50 5.73 29.87
N ASN B 403 -25.35 5.29 30.39
CA ASN B 403 -24.95 3.90 30.22
C ASN B 403 -25.59 2.96 31.23
N GLN B 404 -26.54 3.47 32.00
CA GLN B 404 -27.26 2.69 33.00
C GLN B 404 -28.04 1.60 32.28
N ILE B 405 -28.07 0.41 32.84
CA ILE B 405 -28.80 -0.68 32.20
C ILE B 405 -30.11 -1.03 32.88
N LEU B 406 -31.17 -1.07 32.08
CA LEU B 406 -32.51 -1.35 32.58
C LEU B 406 -33.11 -2.67 32.11
N GLU B 407 -33.58 -3.46 33.07
CA GLU B 407 -34.20 -4.76 32.80
C GLU B 407 -35.68 -4.58 33.17
N GLU B 408 -36.56 -4.60 32.17
CA GLU B 408 -37.98 -4.39 32.40
C GLU B 408 -38.14 -3.10 33.22
N ASN B 409 -37.46 -2.06 32.76
CA ASN B 409 -37.47 -0.74 33.40
C ASN B 409 -37.07 -0.71 34.88
N VAL B 410 -36.42 -1.78 35.33
CA VAL B 410 -35.95 -1.85 36.72
C VAL B 410 -34.42 -1.79 36.67
N GLU B 411 -33.86 -0.63 36.99
CA GLU B 411 -32.40 -0.45 36.95
C GLU B 411 -31.73 -1.67 37.59
N VAL B 412 -30.74 -2.23 36.90
CA VAL B 412 -30.04 -3.40 37.41
C VAL B 412 -28.96 -3.08 38.45
N GLU B 413 -28.95 -3.85 39.53
CA GLU B 413 -27.97 -3.67 40.59
C GLU B 413 -27.23 -4.99 40.77
N ILE B 414 -25.96 -4.91 41.14
CA ILE B 414 -25.12 -6.08 41.32
C ILE B 414 -24.45 -6.05 42.68
N TRP B 415 -24.17 -7.21 43.25
CA TRP B 415 -23.46 -7.31 44.51
C TRP B 415 -22.07 -7.83 44.11
N THR B 416 -21.04 -6.98 44.21
CA THR B 416 -19.70 -7.42 43.85
C THR B 416 -19.25 -8.48 44.85
N LYS B 417 -18.19 -9.20 44.51
CA LYS B 417 -17.68 -10.25 45.39
C LYS B 417 -17.13 -9.65 46.69
N GLU B 418 -16.97 -8.33 46.71
CA GLU B 418 -16.47 -7.62 47.90
C GLU B 418 -17.63 -7.19 48.79
N GLY B 419 -18.85 -7.59 48.42
CA GLY B 419 -20.00 -7.22 49.22
C GLY B 419 -20.55 -5.81 49.07
N GLU B 420 -20.36 -5.20 47.90
CA GLU B 420 -20.87 -3.87 47.64
C GLU B 420 -21.99 -4.00 46.63
N ARG B 421 -23.01 -3.16 46.75
CA ARG B 421 -24.13 -3.22 45.81
C ARG B 421 -24.09 -1.98 44.92
N LYS B 422 -23.87 -2.18 43.63
CA LYS B 422 -23.79 -1.06 42.70
C LYS B 422 -24.60 -1.23 41.43
N LYS B 423 -25.04 -0.10 40.89
CA LYS B 423 -25.81 -0.06 39.67
C LYS B 423 -24.92 -0.40 38.50
N LEU B 424 -25.48 -1.10 37.53
CA LEU B 424 -24.75 -1.51 36.34
C LEU B 424 -24.77 -0.39 35.30
N LYS B 425 -23.62 0.23 35.09
CA LYS B 425 -23.48 1.31 34.12
C LYS B 425 -22.02 1.35 33.71
N PRO B 426 -21.65 0.52 32.73
CA PRO B 426 -20.27 0.42 32.23
C PRO B 426 -19.77 1.70 31.61
N ARG B 427 -18.49 1.97 31.81
CA ARG B 427 -17.89 3.17 31.25
C ARG B 427 -18.08 3.13 29.73
N TRP B 428 -17.95 1.94 29.16
CA TRP B 428 -18.12 1.70 27.72
C TRP B 428 -19.38 0.85 27.53
N LEU B 429 -20.19 1.23 26.56
CA LEU B 429 -21.45 0.55 26.30
C LEU B 429 -21.45 -0.28 25.01
N ASP B 430 -21.71 -1.58 25.15
CA ASP B 430 -21.77 -2.51 24.00
C ASP B 430 -23.07 -3.27 24.16
N ALA B 431 -24.01 -3.02 23.27
CA ALA B 431 -25.33 -3.66 23.32
C ALA B 431 -25.29 -5.19 23.31
N ARG B 432 -24.22 -5.76 22.77
CA ARG B 432 -24.10 -7.22 22.70
C ARG B 432 -23.97 -7.84 24.09
N ILE B 433 -23.68 -6.99 25.05
CA ILE B 433 -23.50 -7.41 26.44
C ILE B 433 -24.80 -7.36 27.28
N TYR B 434 -25.88 -6.80 26.73
CA TYR B 434 -27.13 -6.72 27.48
C TYR B 434 -28.41 -6.96 26.70
N SER B 435 -28.30 -7.08 25.38
CA SER B 435 -29.50 -7.27 24.56
C SER B 435 -30.18 -8.63 24.64
N ASP B 436 -29.54 -9.59 25.29
CA ASP B 436 -30.11 -10.93 25.43
C ASP B 436 -29.92 -11.38 26.86
N PRO B 437 -30.99 -11.87 27.49
CA PRO B 437 -30.96 -12.35 28.88
C PRO B 437 -29.69 -13.11 29.25
N LEU B 438 -29.33 -14.09 28.43
CA LEU B 438 -28.15 -14.89 28.69
C LEU B 438 -26.89 -14.02 28.68
N ALA B 439 -26.83 -13.09 27.73
CA ALA B 439 -25.67 -12.21 27.63
C ALA B 439 -25.58 -11.35 28.88
N LEU B 440 -26.72 -10.81 29.32
CA LEU B 440 -26.74 -9.98 30.51
C LEU B 440 -26.30 -10.77 31.73
N LYS B 441 -26.80 -12.00 31.84
CA LYS B 441 -26.47 -12.86 32.97
C LYS B 441 -24.95 -13.04 33.06
N GLU B 442 -24.31 -13.26 31.91
CA GLU B 442 -22.87 -13.45 31.86
C GLU B 442 -22.14 -12.16 32.27
N PHE B 443 -22.50 -11.05 31.63
CA PHE B 443 -21.86 -9.76 31.95
C PHE B 443 -21.97 -9.41 33.45
N LYS B 444 -23.17 -9.55 34.01
CA LYS B 444 -23.38 -9.27 35.45
C LYS B 444 -22.38 -10.11 36.22
N GLU B 445 -22.24 -11.36 35.82
CA GLU B 445 -21.30 -12.27 36.45
C GLU B 445 -19.90 -11.68 36.39
N PHE B 446 -19.56 -11.09 35.25
CA PHE B 446 -18.25 -10.48 35.06
C PHE B 446 -18.10 -9.23 35.92
N ALA B 447 -19.15 -8.41 35.96
CA ALA B 447 -19.16 -7.16 36.72
C ALA B 447 -18.87 -7.37 38.19
N ALA B 448 -19.24 -8.55 38.69
CA ALA B 448 -19.06 -8.89 40.09
C ALA B 448 -17.72 -9.56 40.40
N GLY B 449 -16.84 -9.62 39.39
CA GLY B 449 -15.53 -10.22 39.58
C GLY B 449 -15.50 -11.73 39.76
N ARG B 450 -16.60 -12.41 39.45
CA ARG B 450 -16.64 -13.87 39.61
C ARG B 450 -16.21 -14.65 38.37
N LYS B 451 -15.19 -14.14 37.67
CA LYS B 451 -14.65 -14.76 36.47
C LYS B 451 -13.59 -13.80 35.92
#